data_8UIO
#
_entry.id   8UIO
#
_cell.length_a   93.818
_cell.length_b   138.848
_cell.length_c   73.214
_cell.angle_alpha   90.000
_cell.angle_beta   90.000
_cell.angle_gamma   90.000
#
_symmetry.space_group_name_H-M   'P 21 21 2'
#
loop_
_entity.id
_entity.type
_entity.pdbx_description
1 polymer 'hSC44.ck Fab heavy chain'
2 polymer 'hSC44.ck Fab light chain'
3 non-polymer 'CITRIC ACID'
4 water water
#
loop_
_entity_poly.entity_id
_entity_poly.type
_entity_poly.pdbx_seq_one_letter_code
_entity_poly.pdbx_strand_id
1 'polypeptide(L)'
;EVQLVESGGGLVQPGGSLRLSCTASGFSIDSYGFSWVRQAPGKGLEHIGYLTAGGRAFYASWAKSRSTITRNTNENTVTL
KMNSLRAEDTAVYYCAKLGSGNPVAIWGQGTLVTVSSASTKGPSVFPLAPSSKSTSGGTAALGCLVKDYFPEPVTVSWNS
GALTSGVHTFPAVLQSSGLYSLSSVVTVPSSSLGTQTYICNVNHKPSNTKVDKKVEPKSCDKTHT
;
H,A
2 'polypeptide(L)'
;DIQMTQSPSSLSASVGDRVTITCRASQSVWRNKNVAWYQQKPGKAPKRLIYAIASLYSGVPSRFSGSGSGTDFTLTISSL
QPEDFATYYCVGHYGSENDAYYAFGQGTKVEIKRTVAAPSVFIFPPSDEQLKSGTASVVCLLNNFYPREAKVSWYVDNAL
QSGNSQESVTEQDSKDSTYSLSSTLTLSKADYEKHKVYACEVTQGTTSVTKSFNRGEC
;
L,B
#
loop_
_chem_comp.id
_chem_comp.type
_chem_comp.name
_chem_comp.formula
CIT non-polymer 'CITRIC ACID' 'C6 H8 O7'
#
# COMPACT_ATOMS: atom_id res chain seq x y z
N VAL A 2 -8.69 0.90 -5.14
CA VAL A 2 -9.49 2.04 -4.71
C VAL A 2 -8.62 3.05 -3.96
N GLN A 3 -8.87 4.34 -4.19
CA GLN A 3 -8.13 5.39 -3.51
C GLN A 3 -9.03 6.59 -3.29
N LEU A 4 -8.71 7.36 -2.26
CA LEU A 4 -9.30 8.67 -2.02
C LEU A 4 -8.17 9.69 -1.89
N VAL A 5 -8.32 10.85 -2.52
CA VAL A 5 -7.30 11.88 -2.53
C VAL A 5 -7.94 13.22 -2.22
N GLU A 6 -7.51 13.84 -1.12
CA GLU A 6 -7.95 15.19 -0.78
C GLU A 6 -7.18 16.21 -1.60
N SER A 7 -7.89 17.21 -2.09
CA SER A 7 -7.28 18.31 -2.82
C SER A 7 -7.82 19.62 -2.26
N GLY A 8 -7.12 20.70 -2.57
CA GLY A 8 -7.40 21.98 -1.96
C GLY A 8 -6.59 22.11 -0.69
N GLY A 9 -7.07 22.90 0.24
CA GLY A 9 -6.28 23.00 1.44
C GLY A 9 -4.97 23.68 1.14
N GLY A 10 -4.03 23.51 2.05
CA GLY A 10 -2.84 24.35 2.07
C GLY A 10 -3.11 25.58 2.89
N LEU A 11 -2.37 26.65 2.60
CA LEU A 11 -2.51 27.91 3.34
C LEU A 11 -3.83 28.59 3.02
N VAL A 12 -4.59 28.91 4.06
CA VAL A 12 -5.86 29.62 3.95
C VAL A 12 -5.86 30.79 4.92
N GLN A 13 -6.51 31.91 4.51
CA GLN A 13 -6.48 33.06 5.40
C GLN A 13 -7.58 33.00 6.45
N PRO A 14 -7.33 33.52 7.65
CA PRO A 14 -8.39 33.60 8.65
C PRO A 14 -9.50 34.48 8.14
N GLY A 15 -10.73 34.10 8.45
CA GLY A 15 -11.89 34.81 7.93
C GLY A 15 -12.35 34.31 6.58
N GLY A 16 -11.54 33.51 5.90
CA GLY A 16 -11.90 32.94 4.62
C GLY A 16 -12.52 31.57 4.76
N SER A 17 -12.54 30.84 3.65
CA SER A 17 -13.11 29.51 3.59
C SER A 17 -12.10 28.51 3.08
N LEU A 18 -12.25 27.26 3.52
CA LEU A 18 -11.60 26.14 2.87
C LEU A 18 -12.64 25.47 1.98
N ARG A 19 -12.18 25.01 0.82
CA ARG A 19 -12.97 24.19 -0.10
C ARG A 19 -12.12 22.96 -0.35
N LEU A 20 -12.49 21.85 0.25
CA LEU A 20 -11.74 20.61 0.10
C LEU A 20 -12.53 19.64 -0.77
N SER A 21 -11.84 18.99 -1.69
CA SER A 21 -12.44 18.00 -2.56
C SER A 21 -11.77 16.65 -2.32
N CYS A 22 -12.58 15.61 -2.33
CA CYS A 22 -12.15 14.24 -2.16
C CYS A 22 -12.46 13.52 -3.46
N THR A 23 -11.42 13.19 -4.23
CA THR A 23 -11.58 12.56 -5.53
C THR A 23 -11.37 11.06 -5.40
N ALA A 24 -12.32 10.28 -5.90
CA ALA A 24 -12.23 8.83 -5.88
C ALA A 24 -11.64 8.30 -7.17
N SER A 25 -10.78 7.29 -7.06
CA SER A 25 -10.24 6.57 -8.19
C SER A 25 -10.37 5.08 -7.91
N GLY A 26 -10.75 4.32 -8.94
CA GLY A 26 -10.95 2.89 -8.80
C GLY A 26 -12.35 2.48 -8.38
N PHE A 27 -13.28 3.42 -8.26
CA PHE A 27 -14.65 3.13 -7.90
C PHE A 27 -15.43 4.43 -8.05
N SER A 28 -16.76 4.32 -7.93
CA SER A 28 -17.63 5.48 -8.07
C SER A 28 -17.85 6.15 -6.72
N ILE A 29 -17.97 7.47 -6.74
CA ILE A 29 -18.11 8.21 -5.50
C ILE A 29 -19.49 8.03 -4.90
N ASP A 30 -20.50 7.78 -5.72
CA ASP A 30 -21.85 7.59 -5.19
C ASP A 30 -22.08 6.19 -4.66
N SER A 31 -21.07 5.33 -4.66
CA SER A 31 -21.26 3.96 -4.19
C SER A 31 -21.23 3.84 -2.68
N TYR A 32 -20.64 4.81 -1.96
CA TYR A 32 -20.59 4.77 -0.51
C TYR A 32 -20.80 6.16 0.08
N GLY A 33 -21.26 6.19 1.32
CA GLY A 33 -21.24 7.43 2.09
C GLY A 33 -19.82 7.76 2.54
N PHE A 34 -19.60 9.05 2.83
CA PHE A 34 -18.27 9.50 3.22
C PHE A 34 -18.32 10.51 4.35
N SER A 35 -17.34 10.42 5.25
CA SER A 35 -17.19 11.39 6.33
C SER A 35 -16.04 12.34 6.01
N TRP A 36 -16.10 13.51 6.64
CA TRP A 36 -14.96 14.39 6.78
C TRP A 36 -14.55 14.38 8.24
N VAL A 37 -13.26 14.22 8.47
CA VAL A 37 -12.66 14.12 9.78
C VAL A 37 -11.46 15.04 9.78
N ARG A 38 -11.19 15.68 10.91
CA ARG A 38 -9.99 16.49 11.01
C ARG A 38 -9.24 16.20 12.29
N GLN A 39 -7.97 16.59 12.28
CA GLN A 39 -7.07 16.34 13.39
C GLN A 39 -6.12 17.53 13.47
N ALA A 40 -6.30 18.37 14.47
CA ALA A 40 -5.36 19.46 14.70
C ALA A 40 -4.01 18.88 15.09
N PRO A 41 -2.92 19.56 14.76
CA PRO A 41 -1.58 19.03 15.06
C PRO A 41 -1.43 18.59 16.51
N GLY A 42 -1.05 17.33 16.72
CA GLY A 42 -0.85 16.77 18.04
C GLY A 42 -2.09 16.36 18.80
N LYS A 43 -3.28 16.53 18.23
CA LYS A 43 -4.52 16.37 18.96
C LYS A 43 -5.28 15.14 18.44
N GLY A 44 -6.53 14.99 18.89
CA GLY A 44 -7.34 13.84 18.55
C GLY A 44 -8.16 14.05 17.29
N LEU A 45 -8.87 12.99 16.91
CA LEU A 45 -9.71 13.02 15.73
C LEU A 45 -11.07 13.64 16.06
N GLU A 46 -11.55 14.50 15.16
CA GLU A 46 -12.81 15.22 15.32
C GLU A 46 -13.65 14.97 14.09
N HIS A 47 -14.83 14.39 14.26
CA HIS A 47 -15.74 14.20 13.14
C HIS A 47 -16.41 15.51 12.77
N ILE A 48 -16.49 15.79 11.47
CA ILE A 48 -17.08 17.02 10.97
C ILE A 48 -18.50 16.74 10.46
N GLY A 49 -18.61 15.84 9.49
CA GLY A 49 -19.92 15.49 8.96
C GLY A 49 -19.84 14.23 8.12
N TYR A 50 -21.03 13.75 7.76
CA TYR A 50 -21.22 12.51 7.04
C TYR A 50 -22.23 12.76 5.92
N LEU A 51 -21.86 12.38 4.70
CA LEU A 51 -22.75 12.43 3.54
C LEU A 51 -23.11 11.00 3.16
N THR A 52 -24.37 10.63 3.33
CA THR A 52 -24.79 9.28 3.01
C THR A 52 -24.56 8.98 1.53
N ALA A 53 -24.54 7.69 1.20
CA ALA A 53 -24.65 7.30 -0.21
C ALA A 53 -25.98 7.75 -0.80
N GLY A 54 -26.99 7.99 0.05
CA GLY A 54 -28.25 8.58 -0.34
C GLY A 54 -28.22 10.08 -0.56
N GLY A 55 -27.07 10.72 -0.34
CA GLY A 55 -26.88 12.12 -0.67
C GLY A 55 -27.20 13.10 0.43
N ARG A 56 -27.71 12.62 1.57
CA ARG A 56 -28.12 13.48 2.66
C ARG A 56 -26.95 13.74 3.61
N ALA A 57 -26.80 15.00 4.02
CA ALA A 57 -25.69 15.43 4.85
C ALA A 57 -26.11 15.52 6.31
N PHE A 58 -25.26 15.01 7.20
CA PHE A 58 -25.45 15.12 8.64
C PHE A 58 -24.17 15.67 9.25
N TYR A 59 -24.30 16.67 10.12
CA TYR A 59 -23.14 17.36 10.66
C TYR A 59 -23.04 17.17 12.17
N ALA A 60 -21.79 17.10 12.65
CA ALA A 60 -21.54 17.25 14.07
C ALA A 60 -22.02 18.62 14.50
N SER A 61 -22.57 18.71 15.71
CA SER A 61 -23.23 19.94 16.14
C SER A 61 -22.30 21.15 16.01
N TRP A 62 -21.03 20.99 16.40
CA TRP A 62 -20.12 22.13 16.40
C TRP A 62 -19.91 22.67 15.00
N ALA A 63 -20.07 21.84 13.98
CA ALA A 63 -19.70 22.21 12.62
C ALA A 63 -20.89 22.59 11.76
N LYS A 64 -22.11 22.40 12.23
CA LYS A 64 -23.29 22.61 11.40
C LYS A 64 -23.35 24.03 10.86
N SER A 65 -22.91 25.02 11.65
CA SER A 65 -23.14 26.41 11.30
C SER A 65 -22.22 26.92 10.19
N ARG A 66 -21.07 26.29 9.97
CA ARG A 66 -20.12 26.78 8.99
C ARG A 66 -19.81 25.79 7.88
N SER A 67 -20.28 24.55 7.97
CA SER A 67 -19.85 23.48 7.10
C SER A 67 -20.95 23.07 6.15
N THR A 68 -20.57 22.83 4.90
CA THR A 68 -21.45 22.24 3.90
C THR A 68 -20.72 21.10 3.21
N ILE A 69 -21.34 19.94 3.17
CA ILE A 69 -20.78 18.75 2.53
C ILE A 69 -21.70 18.35 1.38
N THR A 70 -21.12 18.16 0.19
CA THR A 70 -21.86 17.86 -1.01
C THR A 70 -21.06 16.87 -1.85
N ARG A 71 -21.71 16.32 -2.89
CA ARG A 71 -21.02 15.40 -3.79
C ARG A 71 -21.38 15.73 -5.23
N ASN A 72 -20.44 15.46 -6.13
CA ASN A 72 -20.61 15.69 -7.57
C ASN A 72 -20.27 14.39 -8.30
N THR A 73 -21.31 13.62 -8.65
CA THR A 73 -21.08 12.34 -9.29
C THR A 73 -20.33 12.49 -10.60
N ASN A 74 -20.63 13.53 -11.39
CA ASN A 74 -19.97 13.71 -12.67
C ASN A 74 -18.47 13.89 -12.53
N GLU A 75 -18.03 14.52 -11.43
CA GLU A 75 -16.61 14.66 -11.14
C GLU A 75 -16.07 13.52 -10.28
N ASN A 76 -16.95 12.74 -9.66
CA ASN A 76 -16.55 11.63 -8.79
C ASN A 76 -15.90 12.15 -7.52
N THR A 77 -16.48 13.21 -6.95
CA THR A 77 -15.92 13.88 -5.80
C THR A 77 -16.99 14.10 -4.72
N VAL A 78 -16.51 14.24 -3.49
CA VAL A 78 -17.30 14.80 -2.39
C VAL A 78 -16.53 16.02 -1.91
N THR A 79 -17.26 17.02 -1.40
CA THR A 79 -16.65 18.32 -1.12
C THR A 79 -17.04 18.81 0.26
N LEU A 80 -16.07 19.38 0.96
CA LEU A 80 -16.29 20.04 2.23
C LEU A 80 -16.02 21.53 2.07
N LYS A 81 -16.99 22.36 2.46
CA LYS A 81 -16.81 23.80 2.53
C LYS A 81 -16.97 24.23 3.99
N MET A 82 -15.99 24.98 4.48
CA MET A 82 -16.05 25.52 5.84
C MET A 82 -15.66 26.99 5.76
N ASN A 83 -16.53 27.87 6.23
CA ASN A 83 -16.32 29.31 6.15
C ASN A 83 -15.98 29.85 7.53
N SER A 84 -15.57 31.11 7.55
CA SER A 84 -15.26 31.83 8.78
C SER A 84 -14.13 31.14 9.55
N LEU A 85 -13.08 30.77 8.83
CA LEU A 85 -11.99 30.02 9.44
C LEU A 85 -11.27 30.84 10.50
N ARG A 86 -10.82 30.15 11.54
CA ARG A 86 -9.99 30.72 12.60
C ARG A 86 -8.75 29.84 12.75
N ALA A 87 -7.79 30.33 13.55
CA ALA A 87 -6.56 29.57 13.73
C ALA A 87 -6.85 28.15 14.21
N GLU A 88 -7.87 27.98 15.05
CA GLU A 88 -8.21 26.68 15.62
C GLU A 88 -8.68 25.68 14.56
N ASP A 89 -8.94 26.13 13.34
CA ASP A 89 -9.33 25.23 12.26
C ASP A 89 -8.14 24.65 11.52
N THR A 90 -6.92 25.06 11.88
CA THR A 90 -5.73 24.43 11.33
C THR A 90 -5.71 22.96 11.73
N ALA A 91 -5.55 22.08 10.74
CA ALA A 91 -5.66 20.64 10.99
C ALA A 91 -5.38 19.89 9.70
N VAL A 92 -5.09 18.61 9.85
CA VAL A 92 -5.14 17.70 8.71
C VAL A 92 -6.60 17.28 8.52
N TYR A 93 -7.12 17.51 7.32
CA TYR A 93 -8.49 17.15 6.96
C TYR A 93 -8.48 15.86 6.13
N TYR A 94 -9.26 14.88 6.55
CA TYR A 94 -9.36 13.58 5.90
C TYR A 94 -10.78 13.38 5.40
N CYS A 95 -10.92 12.84 4.19
CA CYS A 95 -12.17 12.23 3.77
C CYS A 95 -12.04 10.72 3.95
N ALA A 96 -13.11 10.10 4.43
CA ALA A 96 -12.99 8.69 4.78
C ALA A 96 -14.36 8.03 4.78
N LYS A 97 -14.41 6.81 4.23
CA LYS A 97 -15.48 5.86 4.52
C LYS A 97 -15.05 5.09 5.76
N LEU A 98 -15.66 5.40 6.91
CA LEU A 98 -15.10 4.99 8.19
C LEU A 98 -15.27 3.50 8.44
N GLY A 99 -16.33 2.89 7.91
CA GLY A 99 -16.54 1.47 8.08
C GLY A 99 -16.60 1.04 9.53
N SER A 100 -17.43 1.71 10.33
CA SER A 100 -17.52 1.33 11.73
C SER A 100 -18.18 -0.04 11.89
N GLY A 101 -19.12 -0.39 11.02
CA GLY A 101 -19.83 -1.65 11.11
C GLY A 101 -19.83 -2.48 9.85
N ASN A 102 -19.20 -1.97 8.81
CA ASN A 102 -19.09 -2.49 7.45
C ASN A 102 -17.65 -2.96 7.21
N PRO A 103 -17.44 -4.02 6.42
CA PRO A 103 -16.06 -4.48 6.19
C PRO A 103 -15.24 -3.55 5.29
N VAL A 104 -15.83 -2.54 4.68
CA VAL A 104 -15.12 -1.67 3.75
C VAL A 104 -14.81 -0.35 4.44
N ALA A 105 -13.52 -0.01 4.49
CA ALA A 105 -13.05 1.26 4.99
C ALA A 105 -12.05 1.83 3.99
N ILE A 106 -12.16 3.13 3.73
CA ILE A 106 -11.33 3.82 2.75
C ILE A 106 -10.97 5.19 3.32
N TRP A 107 -9.68 5.51 3.32
CA TRP A 107 -9.19 6.79 3.80
C TRP A 107 -8.28 7.46 2.77
N GLY A 108 -8.34 8.80 2.73
CA GLY A 108 -7.33 9.57 2.04
C GLY A 108 -6.08 9.77 2.89
N GLN A 109 -5.05 10.34 2.28
CA GLN A 109 -3.81 10.66 2.96
C GLN A 109 -3.96 11.86 3.88
N GLY A 110 -5.03 12.63 3.72
CA GLY A 110 -5.23 13.84 4.46
C GLY A 110 -4.54 15.01 3.82
N THR A 111 -5.04 16.21 4.05
CA THR A 111 -4.41 17.42 3.54
C THR A 111 -4.36 18.44 4.66
N LEU A 112 -3.19 19.02 4.88
CA LEU A 112 -3.01 20.03 5.92
C LEU A 112 -3.59 21.36 5.46
N VAL A 113 -4.45 21.92 6.28
CA VAL A 113 -4.96 23.28 6.11
C VAL A 113 -4.34 24.11 7.22
N THR A 114 -3.57 25.12 6.84
CA THR A 114 -2.96 26.04 7.78
C THR A 114 -3.71 27.37 7.68
N VAL A 115 -4.35 27.78 8.76
CA VAL A 115 -5.13 29.01 8.77
C VAL A 115 -4.19 30.11 9.28
N SER A 116 -3.70 30.94 8.36
CA SER A 116 -2.72 31.95 8.72
C SER A 116 -2.75 33.07 7.69
N SER A 117 -2.47 34.30 8.12
CA SER A 117 -2.35 35.44 7.23
C SER A 117 -0.94 35.65 6.70
N ALA A 118 0.03 34.87 7.16
CA ALA A 118 1.41 34.98 6.66
C ALA A 118 1.53 34.45 5.23
N SER A 119 2.59 34.87 4.55
CA SER A 119 2.91 34.39 3.21
C SER A 119 3.74 33.12 3.25
N THR A 120 3.74 32.40 2.14
CA THR A 120 4.60 31.23 1.99
C THR A 120 6.07 31.66 1.88
N LYS A 121 6.95 30.87 2.46
CA LYS A 121 8.40 31.08 2.39
C LYS A 121 9.10 29.73 2.26
N GLY A 122 9.92 29.57 1.22
CA GLY A 122 10.70 28.37 1.03
C GLY A 122 11.88 28.25 1.98
N PRO A 123 12.36 27.02 2.21
CA PRO A 123 13.42 26.82 3.20
C PRO A 123 14.83 27.11 2.67
N SER A 124 15.71 27.42 3.61
CA SER A 124 17.15 27.34 3.41
C SER A 124 17.62 25.99 3.94
N VAL A 125 18.58 25.36 3.25
CA VAL A 125 19.02 24.02 3.61
C VAL A 125 20.52 24.06 3.83
N PHE A 126 20.95 23.65 5.02
CA PHE A 126 22.36 23.68 5.35
C PHE A 126 22.85 22.28 5.74
N PRO A 127 24.11 21.97 5.46
CA PRO A 127 24.63 20.66 5.88
C PRO A 127 24.89 20.61 7.38
N LEU A 128 24.62 19.45 7.96
CA LEU A 128 25.15 19.03 9.25
C LEU A 128 26.22 17.99 8.92
N ALA A 129 27.47 18.45 8.79
CA ALA A 129 28.52 17.64 8.18
C ALA A 129 29.16 16.68 9.18
N PRO A 130 29.47 15.45 8.77
CA PRO A 130 30.29 14.58 9.60
C PRO A 130 31.75 15.02 9.52
N SER A 131 32.51 14.67 10.56
CA SER A 131 33.95 14.85 10.46
C SER A 131 34.52 13.81 9.51
N SER A 132 35.49 14.21 8.69
CA SER A 132 36.19 13.25 7.83
C SER A 132 36.77 12.13 8.68
N LYS A 133 37.58 12.49 9.67
CA LYS A 133 38.07 11.55 10.67
C LYS A 133 37.00 11.41 11.75
N SER A 134 36.40 10.22 11.81
CA SER A 134 35.38 9.96 12.81
C SER A 134 35.85 10.37 14.20
N THR A 135 34.91 10.83 15.01
CA THR A 135 35.13 11.04 16.45
C THR A 135 34.08 10.29 17.27
N SER A 136 33.43 9.29 16.65
CA SER A 136 32.31 8.60 17.29
C SER A 136 32.29 7.12 16.90
N GLY A 137 33.47 6.49 16.87
CA GLY A 137 33.52 5.06 16.62
C GLY A 137 33.20 4.73 15.17
N GLY A 138 32.61 3.57 14.97
CA GLY A 138 32.34 3.11 13.62
C GLY A 138 31.11 3.69 12.97
N THR A 139 30.34 4.49 13.71
CA THR A 139 29.06 5.04 13.28
C THR A 139 29.12 6.56 13.35
N ALA A 140 28.89 7.22 12.23
CA ALA A 140 28.90 8.67 12.17
C ALA A 140 27.51 9.20 11.94
N ALA A 141 27.30 10.45 12.32
CA ALA A 141 26.04 11.15 12.12
C ALA A 141 26.23 12.30 11.14
N LEU A 142 25.22 12.50 10.30
CA LEU A 142 25.21 13.64 9.39
C LEU A 142 23.75 14.03 9.15
N GLY A 143 23.53 15.18 8.53
CA GLY A 143 22.17 15.58 8.31
C GLY A 143 22.06 16.87 7.54
N CYS A 144 20.84 17.40 7.55
CA CYS A 144 20.51 18.65 6.88
CA CYS A 144 20.55 18.67 6.92
C CYS A 144 19.61 19.47 7.80
N LEU A 145 19.94 20.74 7.97
CA LEU A 145 19.15 21.71 8.70
C LEU A 145 18.27 22.44 7.69
N VAL A 146 16.96 22.37 7.88
CA VAL A 146 15.99 22.94 6.96
C VAL A 146 15.37 24.11 7.70
N LYS A 147 15.76 25.33 7.33
CA LYS A 147 15.48 26.47 8.20
C LYS A 147 14.64 27.53 7.51
N ASP A 148 13.75 28.13 8.30
CA ASP A 148 13.00 29.33 7.93
C ASP A 148 12.02 29.15 6.78
N TYR A 149 11.05 28.27 6.96
CA TYR A 149 10.02 28.04 5.96
C TYR A 149 8.64 28.19 6.58
N PHE A 150 7.66 28.37 5.69
CA PHE A 150 6.27 28.49 6.08
C PHE A 150 5.38 28.25 4.87
N PRO A 151 4.23 27.58 5.01
CA PRO A 151 3.76 26.81 6.18
C PRO A 151 4.44 25.45 6.20
N GLU A 152 4.08 24.63 7.16
CA GLU A 152 4.38 23.21 7.04
C GLU A 152 3.61 22.62 5.86
N PRO A 153 3.99 21.43 5.38
CA PRO A 153 5.12 20.61 5.81
C PRO A 153 6.30 20.70 4.85
N VAL A 154 7.50 20.38 5.33
CA VAL A 154 8.58 19.92 4.46
C VAL A 154 8.68 18.42 4.63
N THR A 155 9.10 17.73 3.56
CA THR A 155 9.47 16.33 3.63
C THR A 155 10.94 16.20 3.30
N VAL A 156 11.60 15.22 3.92
CA VAL A 156 13.01 14.97 3.70
C VAL A 156 13.17 13.48 3.40
N SER A 157 13.84 13.16 2.30
CA SER A 157 14.30 11.81 2.02
C SER A 157 15.81 11.86 1.88
N TRP A 158 16.45 10.69 1.89
CA TRP A 158 17.90 10.59 1.74
C TRP A 158 18.18 9.72 0.51
N ASN A 159 19.11 10.18 -0.32
CA ASN A 159 19.51 9.45 -1.52
C ASN A 159 18.28 8.98 -2.28
N SER A 160 17.32 9.90 -2.42
CA SER A 160 16.11 9.70 -3.21
C SER A 160 15.33 8.48 -2.78
N GLY A 161 15.38 8.16 -1.49
CA GLY A 161 14.66 7.05 -0.91
C GLY A 161 15.49 5.79 -0.74
N ALA A 162 16.71 5.78 -1.27
CA ALA A 162 17.55 4.59 -1.11
C ALA A 162 18.06 4.43 0.32
N LEU A 163 18.04 5.50 1.12
CA LEU A 163 18.58 5.46 2.48
C LEU A 163 17.44 5.81 3.43
N THR A 164 17.00 4.84 4.23
CA THR A 164 15.90 5.03 5.17
C THR A 164 16.30 4.56 6.56
N SER A 165 17.17 3.56 6.63
CA SER A 165 17.61 3.04 7.92
C SER A 165 18.37 4.10 8.70
N GLY A 166 18.01 4.28 9.96
CA GLY A 166 18.71 5.21 10.84
C GLY A 166 18.41 6.66 10.59
N VAL A 167 17.43 6.97 9.79
CA VAL A 167 17.05 8.37 9.53
C VAL A 167 16.10 8.85 10.61
N HIS A 168 16.33 10.06 11.13
CA HIS A 168 15.41 10.73 12.03
C HIS A 168 15.12 12.12 11.49
N THR A 169 13.88 12.37 11.11
CA THR A 169 13.48 13.70 10.66
C THR A 169 12.62 14.28 11.77
N PHE A 170 13.17 15.28 12.46
CA PHE A 170 12.54 15.78 13.65
C PHE A 170 11.26 16.55 13.34
N PRO A 171 10.31 16.56 14.27
CA PRO A 171 9.18 17.50 14.18
C PRO A 171 9.68 18.93 14.01
N ALA A 172 8.95 19.70 13.20
CA ALA A 172 9.28 21.08 13.01
C ALA A 172 9.09 21.86 14.31
N VAL A 173 9.93 22.86 14.50
CA VAL A 173 9.84 23.78 15.64
C VAL A 173 9.44 25.15 15.09
N LEU A 174 8.47 25.80 15.74
CA LEU A 174 8.14 27.17 15.36
C LEU A 174 9.12 28.11 16.04
N GLN A 175 9.84 28.89 15.25
CA GLN A 175 10.81 29.84 15.77
C GLN A 175 10.12 31.14 16.13
N SER A 176 10.82 31.98 16.91
CA SER A 176 10.26 33.26 17.34
C SER A 176 9.93 34.17 16.16
N SER A 177 10.58 33.95 15.01
CA SER A 177 10.26 34.62 13.76
C SER A 177 8.91 34.22 13.17
N GLY A 178 8.26 33.20 13.72
CA GLY A 178 7.07 32.66 13.11
C GLY A 178 7.32 31.78 11.91
N LEU A 179 8.58 31.44 11.66
CA LEU A 179 8.96 30.50 10.63
C LEU A 179 9.42 29.18 11.26
N TYR A 180 9.23 28.10 10.53
CA TYR A 180 9.58 26.77 10.99
C TYR A 180 11.02 26.43 10.67
N SER A 181 11.58 25.51 11.46
CA SER A 181 12.84 24.86 11.15
C SER A 181 12.76 23.42 11.63
N LEU A 182 13.54 22.56 10.98
CA LEU A 182 13.73 21.19 11.47
C LEU A 182 15.09 20.70 10.98
N SER A 183 15.56 19.63 11.59
CA SER A 183 16.71 18.90 11.08
C SER A 183 16.30 17.47 10.75
N SER A 184 16.94 16.91 9.72
CA SER A 184 16.88 15.49 9.41
C SER A 184 18.29 14.94 9.53
N VAL A 185 18.45 13.87 10.31
CA VAL A 185 19.78 13.31 10.54
C VAL A 185 19.74 11.83 10.20
N VAL A 186 20.91 11.27 9.96
CA VAL A 186 21.05 9.83 9.69
C VAL A 186 22.40 9.39 10.23
N THR A 187 22.46 8.17 10.76
CA THR A 187 23.72 7.55 11.16
C THR A 187 24.14 6.54 10.09
N VAL A 188 25.42 6.57 9.74
CA VAL A 188 25.99 5.77 8.65
C VAL A 188 27.36 5.27 9.09
N PRO A 189 27.88 4.24 8.39
CA PRO A 189 29.22 3.73 8.74
C PRO A 189 30.27 4.81 8.58
N SER A 190 31.11 4.98 9.60
CA SER A 190 32.18 5.96 9.53
C SER A 190 33.13 5.67 8.38
N SER A 191 33.28 4.40 8.03
CA SER A 191 34.19 4.03 6.94
C SER A 191 33.65 4.41 5.58
N SER A 192 32.33 4.59 5.46
CA SER A 192 31.70 4.83 4.18
C SER A 192 31.83 6.27 3.71
N LEU A 193 32.34 7.18 4.55
CA LEU A 193 32.20 8.60 4.26
C LEU A 193 32.89 8.97 2.95
N GLY A 194 34.13 8.52 2.78
CA GLY A 194 34.87 8.88 1.57
C GLY A 194 34.35 8.24 0.30
N THR A 195 33.46 7.26 0.41
CA THR A 195 33.04 6.44 -0.72
C THR A 195 31.56 6.54 -1.04
N GLN A 196 30.70 6.68 -0.04
CA GLN A 196 29.27 6.78 -0.25
C GLN A 196 28.86 8.25 -0.29
N THR A 197 28.00 8.58 -1.23
CA THR A 197 27.44 9.91 -1.34
C THR A 197 26.14 9.98 -0.55
N TYR A 198 25.94 11.09 0.14
CA TYR A 198 24.76 11.31 0.97
C TYR A 198 24.13 12.64 0.57
N ILE A 199 22.89 12.57 0.10
CA ILE A 199 22.14 13.71 -0.41
C ILE A 199 20.79 13.76 0.30
N CYS A 200 20.48 14.91 0.91
CA CYS A 200 19.15 15.08 1.47
C CYS A 200 18.27 15.76 0.43
N ASN A 201 17.07 15.21 0.25
CA ASN A 201 16.09 15.68 -0.71
C ASN A 201 14.97 16.35 0.07
N VAL A 202 14.98 17.68 0.05
CA VAL A 202 14.02 18.47 0.82
C VAL A 202 12.96 18.97 -0.15
N ASN A 203 11.70 18.66 0.11
CA ASN A 203 10.60 19.15 -0.70
C ASN A 203 9.69 20.02 0.17
N HIS A 204 9.49 21.27 -0.26
CA HIS A 204 8.54 22.19 0.36
C HIS A 204 7.47 22.48 -0.69
N LYS A 205 6.50 21.57 -0.80
CA LYS A 205 5.46 21.76 -1.82
C LYS A 205 4.71 23.07 -1.67
N PRO A 206 4.47 23.61 -0.47
CA PRO A 206 3.74 24.88 -0.40
C PRO A 206 4.38 26.00 -1.20
N SER A 207 5.70 25.98 -1.39
CA SER A 207 6.38 27.01 -2.17
C SER A 207 6.90 26.47 -3.50
N ASN A 208 6.48 25.27 -3.89
CA ASN A 208 6.96 24.62 -5.10
C ASN A 208 8.49 24.67 -5.21
N THR A 209 9.14 24.33 -4.10
CA THR A 209 10.59 24.39 -4.01
C THR A 209 11.13 23.04 -3.54
N LYS A 210 12.15 22.55 -4.22
CA LYS A 210 12.86 21.34 -3.83
C LYS A 210 14.34 21.65 -3.76
N VAL A 211 15.02 21.18 -2.72
CA VAL A 211 16.45 21.35 -2.59
C VAL A 211 17.08 19.98 -2.42
N ASP A 212 18.13 19.70 -3.18
CA ASP A 212 18.93 18.49 -3.04
C ASP A 212 20.33 18.89 -2.64
N LYS A 213 20.74 18.51 -1.43
CA LYS A 213 21.98 18.98 -0.84
C LYS A 213 22.87 17.77 -0.55
N LYS A 214 24.03 17.72 -1.21
CA LYS A 214 25.04 16.72 -0.89
C LYS A 214 25.79 17.11 0.38
N VAL A 215 25.83 16.21 1.35
CA VAL A 215 26.43 16.49 2.65
C VAL A 215 27.79 15.81 2.67
N GLU A 216 28.83 16.59 2.68
CA GLU A 216 30.18 16.05 2.60
C GLU A 216 30.91 16.24 3.91
N PRO A 217 31.86 15.35 4.23
CA PRO A 217 32.72 15.58 5.39
C PRO A 217 33.41 16.93 5.27
N LYS A 218 33.63 17.57 6.41
CA LYS A 218 34.23 18.91 6.41
C LYS A 218 35.75 18.83 6.43
N ASP B 1 -24.42 14.55 19.44
CA ASP B 1 -24.31 14.51 20.92
C ASP B 1 -23.90 13.12 21.42
N ILE B 2 -23.73 12.19 20.48
CA ILE B 2 -23.29 10.84 20.82
C ILE B 2 -21.83 10.86 21.19
N GLN B 3 -21.47 10.19 22.29
CA GLN B 3 -20.09 10.24 22.78
C GLN B 3 -19.57 8.85 23.10
N MET B 4 -18.27 8.69 22.91
CA MET B 4 -17.53 7.48 23.25
C MET B 4 -16.47 7.90 24.27
N THR B 5 -16.53 7.31 25.46
CA THR B 5 -15.62 7.68 26.55
C THR B 5 -14.52 6.64 26.68
N GLN B 6 -13.30 7.03 26.30
CA GLN B 6 -12.19 6.10 26.21
C GLN B 6 -11.25 6.26 27.40
N SER B 7 -10.75 5.13 27.90
CA SER B 7 -9.85 5.03 29.03
C SER B 7 -8.87 3.90 28.75
N PRO B 8 -7.61 4.02 29.23
CA PRO B 8 -6.97 5.18 29.86
C PRO B 8 -6.60 6.20 28.80
N SER B 9 -6.25 7.42 29.20
CA SER B 9 -5.77 8.40 28.24
C SER B 9 -4.39 8.03 27.71
N SER B 10 -3.60 7.32 28.51
CA SER B 10 -2.32 6.80 28.04
C SER B 10 -1.92 5.63 28.92
N LEU B 11 -0.94 4.86 28.45
CA LEU B 11 -0.43 3.75 29.24
C LEU B 11 0.96 3.39 28.77
N SER B 12 1.78 2.87 29.68
CA SER B 12 3.11 2.37 29.39
C SER B 12 3.12 0.87 29.67
N ALA B 13 3.56 0.09 28.68
CA ALA B 13 3.54 -1.36 28.82
C ALA B 13 4.78 -1.94 28.15
N SER B 14 5.22 -3.11 28.62
CA SER B 14 6.40 -3.75 28.08
C SER B 14 6.04 -4.71 26.96
N VAL B 15 6.99 -4.92 26.07
CA VAL B 15 6.83 -5.93 25.03
C VAL B 15 6.37 -7.22 25.68
N GLY B 16 5.34 -7.83 25.10
CA GLY B 16 4.79 -9.06 25.63
C GLY B 16 3.61 -8.89 26.56
N ASP B 17 3.36 -7.69 27.06
CA ASP B 17 2.23 -7.47 27.95
C ASP B 17 0.91 -7.61 27.19
N ARG B 18 -0.15 -7.84 27.95
CA ARG B 18 -1.52 -7.75 27.44
C ARG B 18 -2.05 -6.35 27.76
N VAL B 19 -2.53 -5.65 26.73
CA VAL B 19 -3.04 -4.30 26.87
C VAL B 19 -4.54 -4.32 26.63
N THR B 20 -5.28 -3.63 27.48
CA THR B 20 -6.74 -3.53 27.36
C THR B 20 -7.12 -2.07 27.33
N ILE B 21 -7.80 -1.65 26.26
CA ILE B 21 -8.31 -0.29 26.08
C ILE B 21 -9.82 -0.36 26.03
N THR B 22 -10.48 0.57 26.72
CA THR B 22 -11.92 0.51 26.89
C THR B 22 -12.59 1.79 26.43
N CYS B 23 -13.80 1.61 25.88
CA CYS B 23 -14.61 2.68 25.31
C CYS B 23 -16.02 2.44 25.82
N ARG B 24 -16.65 3.48 26.36
CA ARG B 24 -18.02 3.38 26.88
C ARG B 24 -18.93 4.24 26.02
N ALA B 25 -19.94 3.63 25.39
CA ALA B 25 -20.84 4.37 24.51
C ALA B 25 -21.92 5.10 25.32
N SER B 26 -22.19 6.34 24.93
CA SER B 26 -23.20 7.13 25.60
C SER B 26 -24.61 6.68 25.25
N GLN B 27 -24.77 5.77 24.28
CA GLN B 27 -26.07 5.28 23.85
C GLN B 27 -25.86 3.95 23.10
N SER B 28 -26.96 3.35 22.63
CA SER B 28 -26.86 2.11 21.87
C SER B 28 -26.16 2.36 20.54
N VAL B 29 -25.13 1.56 20.27
CA VAL B 29 -24.28 1.79 19.11
C VAL B 29 -24.99 1.40 17.81
N TRP B 30 -25.64 2.37 17.14
CA TRP B 30 -26.44 2.11 15.95
C TRP B 30 -27.38 0.94 16.22
N ARG B 31 -26.91 -0.29 15.99
CA ARG B 31 -27.63 -1.50 16.31
C ARG B 31 -26.79 -2.39 17.19
N ASN B 32 -26.18 -1.81 18.22
CA ASN B 32 -25.19 -2.47 19.03
C ASN B 32 -24.21 -3.23 18.12
N LYS B 33 -23.71 -2.53 17.09
CA LYS B 33 -22.85 -3.14 16.09
C LYS B 33 -21.81 -2.20 15.49
N ASN B 34 -22.09 -0.89 15.44
CA ASN B 34 -21.24 0.03 14.69
C ASN B 34 -20.17 0.62 15.60
N VAL B 35 -19.21 -0.22 16.00
CA VAL B 35 -18.02 0.23 16.72
C VAL B 35 -16.79 -0.31 16.01
N ALA B 36 -15.82 0.57 15.75
CA ALA B 36 -14.55 0.16 15.16
C ALA B 36 -13.41 0.69 16.01
N TRP B 37 -12.24 0.11 15.82
CA TRP B 37 -11.01 0.53 16.49
C TRP B 37 -9.99 0.91 15.44
N TYR B 38 -9.36 2.07 15.63
CA TYR B 38 -8.37 2.64 14.74
C TYR B 38 -7.04 2.79 15.45
N GLN B 39 -5.96 2.66 14.68
CA GLN B 39 -4.59 2.79 15.16
C GLN B 39 -3.89 3.85 14.34
N GLN B 40 -3.31 4.85 14.99
CA GLN B 40 -2.59 5.88 14.26
C GLN B 40 -1.14 5.95 14.73
N LYS B 41 -0.23 5.72 13.81
CA LYS B 41 1.20 5.82 14.05
C LYS B 41 1.71 7.19 13.63
N PRO B 42 2.83 7.63 14.19
CA PRO B 42 3.28 9.01 13.97
C PRO B 42 3.43 9.31 12.49
N GLY B 43 2.79 10.39 12.05
CA GLY B 43 2.91 10.86 10.68
C GLY B 43 1.98 10.22 9.67
N LYS B 44 1.15 9.26 10.08
CA LYS B 44 0.33 8.50 9.16
C LYS B 44 -1.14 8.77 9.44
N ALA B 45 -1.98 8.45 8.46
CA ALA B 45 -3.41 8.45 8.64
C ALA B 45 -3.80 7.33 9.61
N PRO B 46 -4.96 7.46 10.26
CA PRO B 46 -5.47 6.34 11.06
C PRO B 46 -5.75 5.13 10.18
N LYS B 47 -5.51 3.95 10.74
CA LYS B 47 -5.71 2.67 10.05
C LYS B 47 -6.71 1.84 10.86
N ARG B 48 -7.76 1.36 10.21
CA ARG B 48 -8.76 0.59 10.92
C ARG B 48 -8.24 -0.80 11.23
N LEU B 49 -8.39 -1.22 12.48
CA LEU B 49 -7.98 -2.56 12.89
C LEU B 49 -9.14 -3.51 13.00
N ILE B 50 -10.24 -3.04 13.60
CA ILE B 50 -11.40 -3.85 13.98
C ILE B 50 -12.65 -3.10 13.55
N TYR B 51 -13.64 -3.83 13.02
CA TYR B 51 -14.93 -3.26 12.65
C TYR B 51 -16.05 -4.16 13.17
N ALA B 52 -17.24 -3.59 13.28
CA ALA B 52 -18.40 -4.33 13.79
C ALA B 52 -18.08 -5.00 15.12
N ILE B 53 -17.51 -4.23 16.03
CA ILE B 53 -17.13 -4.62 17.38
C ILE B 53 -15.97 -5.59 17.43
N ALA B 54 -16.04 -6.68 16.65
CA ALA B 54 -15.10 -7.77 16.89
C ALA B 54 -14.51 -8.40 15.64
N SER B 55 -14.77 -7.85 14.45
CA SER B 55 -14.22 -8.41 13.22
C SER B 55 -12.84 -7.80 12.96
N LEU B 56 -11.86 -8.67 12.79
CA LEU B 56 -10.47 -8.26 12.57
C LEU B 56 -10.22 -8.09 11.07
N TYR B 57 -9.80 -6.90 10.68
CA TYR B 57 -9.42 -6.69 9.29
C TYR B 57 -8.28 -7.63 8.91
N SER B 58 -8.35 -8.21 7.71
CA SER B 58 -7.41 -9.25 7.32
C SER B 58 -5.99 -8.73 7.15
N GLY B 59 -5.79 -7.43 7.01
CA GLY B 59 -4.44 -6.90 6.94
C GLY B 59 -3.79 -6.64 8.29
N VAL B 60 -4.44 -7.01 9.37
CA VAL B 60 -4.03 -6.72 10.74
C VAL B 60 -3.67 -8.00 11.47
N PRO B 61 -2.64 -7.98 12.32
CA PRO B 61 -2.25 -9.19 13.05
C PRO B 61 -3.31 -9.67 14.04
N SER B 62 -3.37 -11.00 14.23
CA SER B 62 -4.34 -11.59 15.13
C SER B 62 -4.09 -11.26 16.60
N ARG B 63 -2.96 -10.63 16.93
CA ARG B 63 -2.75 -10.16 18.29
C ARG B 63 -3.80 -9.13 18.70
N PHE B 64 -4.50 -8.52 17.76
CA PHE B 64 -5.51 -7.53 18.05
C PHE B 64 -6.89 -8.19 18.04
N SER B 65 -7.71 -7.86 19.03
CA SER B 65 -9.05 -8.40 19.11
C SER B 65 -9.96 -7.37 19.74
N GLY B 66 -11.22 -7.36 19.28
CA GLY B 66 -12.23 -6.46 19.82
C GLY B 66 -13.34 -7.25 20.47
N SER B 67 -13.92 -6.67 21.51
CA SER B 67 -15.04 -7.28 22.20
C SER B 67 -16.00 -6.19 22.65
N GLY B 68 -17.23 -6.59 22.94
CA GLY B 68 -18.23 -5.63 23.34
C GLY B 68 -19.43 -6.29 23.95
N SER B 69 -19.90 -5.73 25.06
CA SER B 69 -21.08 -6.23 25.77
C SER B 69 -21.71 -5.04 26.48
N GLY B 70 -22.97 -4.77 26.19
CA GLY B 70 -23.60 -3.59 26.74
C GLY B 70 -22.98 -2.34 26.14
N THR B 71 -22.64 -1.38 27.00
CA THR B 71 -22.00 -0.14 26.57
C THR B 71 -20.49 -0.20 26.64
N ASP B 72 -19.90 -1.29 27.12
CA ASP B 72 -18.46 -1.46 27.15
C ASP B 72 -17.97 -2.06 25.84
N PHE B 73 -17.00 -1.40 25.22
CA PHE B 73 -16.28 -1.93 24.07
C PHE B 73 -14.80 -1.92 24.39
N THR B 74 -14.11 -3.01 24.04
CA THR B 74 -12.74 -3.25 24.48
C THR B 74 -11.87 -3.69 23.32
N LEU B 75 -10.69 -3.07 23.21
CA LEU B 75 -9.64 -3.50 22.31
C LEU B 75 -8.55 -4.17 23.13
N THR B 76 -8.18 -5.39 22.75
CA THR B 76 -7.13 -6.13 23.43
C THR B 76 -5.96 -6.39 22.50
N ILE B 77 -4.77 -6.01 22.95
CA ILE B 77 -3.51 -6.40 22.31
C ILE B 77 -2.95 -7.51 23.18
N SER B 78 -2.85 -8.72 22.63
CA SER B 78 -2.56 -9.87 23.48
C SER B 78 -1.09 -9.99 23.85
N SER B 79 -0.19 -9.58 22.96
CA SER B 79 1.25 -9.66 23.18
C SER B 79 1.88 -8.41 22.57
N LEU B 80 1.96 -7.35 23.36
CA LEU B 80 2.38 -6.05 22.83
C LEU B 80 3.75 -6.14 22.18
N GLN B 81 3.87 -5.51 21.01
CA GLN B 81 5.12 -5.48 20.28
C GLN B 81 5.57 -4.03 20.07
N PRO B 82 6.86 -3.82 19.77
CA PRO B 82 7.35 -2.44 19.63
C PRO B 82 6.63 -1.65 18.56
N GLU B 83 6.27 -2.31 17.46
CA GLU B 83 5.57 -1.63 16.38
C GLU B 83 4.15 -1.23 16.74
N ASP B 84 3.65 -1.61 17.91
CA ASP B 84 2.32 -1.23 18.35
C ASP B 84 2.30 0.14 19.00
N PHE B 85 3.44 0.80 19.13
CA PHE B 85 3.46 2.20 19.56
C PHE B 85 2.57 3.00 18.63
N ALA B 86 1.57 3.67 19.20
CA ALA B 86 0.56 4.37 18.42
C ALA B 86 -0.46 4.96 19.38
N THR B 87 -1.33 5.80 18.83
CA THR B 87 -2.56 6.22 19.50
C THR B 87 -3.72 5.43 18.90
N TYR B 88 -4.53 4.85 19.76
CA TYR B 88 -5.67 4.02 19.38
C TYR B 88 -6.94 4.79 19.68
N TYR B 89 -7.91 4.73 18.76
CA TYR B 89 -9.18 5.40 18.90
C TYR B 89 -10.32 4.42 18.64
N CYS B 90 -11.35 4.45 19.50
CA CYS B 90 -12.62 3.82 19.18
C CYS B 90 -13.46 4.82 18.38
N VAL B 91 -14.32 4.31 17.51
CA VAL B 91 -15.26 5.15 16.79
C VAL B 91 -16.61 4.44 16.78
N GLY B 92 -17.65 5.20 17.05
CA GLY B 92 -19.02 4.67 17.03
C GLY B 92 -19.91 5.46 16.13
N HIS B 93 -20.84 4.75 15.48
CA HIS B 93 -21.83 5.37 14.60
C HIS B 93 -23.21 5.21 15.24
N TYR B 94 -24.03 6.24 15.11
CA TYR B 94 -25.40 6.22 15.61
C TYR B 94 -26.31 6.68 14.50
N GLY B 95 -27.37 5.91 14.24
CA GLY B 95 -28.30 6.18 13.17
C GLY B 95 -29.69 6.53 13.69
N SER B 96 -30.52 7.03 12.78
CA SER B 96 -31.91 7.38 13.06
C SER B 96 -32.57 7.95 11.82
N GLU B 97 -33.87 8.27 11.89
CA GLU B 97 -34.55 8.92 10.78
C GLU B 97 -33.76 10.14 10.32
N ASN B 98 -33.53 11.09 11.24
CA ASN B 98 -32.87 12.34 10.93
C ASN B 98 -31.53 12.47 11.64
N ASP B 99 -30.83 11.36 11.86
CA ASP B 99 -29.57 11.39 12.59
C ASP B 99 -28.63 10.35 12.02
N ALA B 100 -27.42 10.78 11.64
CA ALA B 100 -26.34 9.90 11.20
C ALA B 100 -25.06 10.53 11.72
N TYR B 101 -24.61 10.09 12.90
CA TYR B 101 -23.52 10.75 13.60
C TYR B 101 -22.42 9.75 13.93
N TYR B 102 -21.20 10.27 14.04
CA TYR B 102 -20.05 9.50 14.48
C TYR B 102 -19.42 10.19 15.68
N ALA B 103 -18.90 9.38 16.61
CA ALA B 103 -18.17 9.90 17.74
C ALA B 103 -16.87 9.12 17.90
N PHE B 104 -15.75 9.84 17.98
CA PHE B 104 -14.46 9.23 18.27
C PHE B 104 -14.21 9.29 19.76
N GLY B 105 -13.61 8.22 20.30
CA GLY B 105 -13.02 8.33 21.62
C GLY B 105 -11.86 9.31 21.60
N GLN B 106 -11.46 9.76 22.80
CA GLN B 106 -10.40 10.75 22.90
C GLN B 106 -9.03 10.18 22.52
N GLY B 107 -8.87 8.87 22.50
CA GLY B 107 -7.62 8.24 22.11
C GLY B 107 -6.85 7.74 23.32
N THR B 108 -6.08 6.68 23.10
CA THR B 108 -5.19 6.11 24.11
C THR B 108 -3.79 6.05 23.53
N LYS B 109 -2.86 6.76 24.15
CA LYS B 109 -1.48 6.78 23.68
C LYS B 109 -0.73 5.61 24.32
N VAL B 110 -0.33 4.63 23.50
CA VAL B 110 0.38 3.45 24.00
C VAL B 110 1.88 3.67 23.83
N GLU B 111 2.58 3.69 24.96
CA GLU B 111 4.03 3.82 25.02
C GLU B 111 4.64 2.47 25.35
N ILE B 112 5.80 2.19 24.78
CA ILE B 112 6.50 0.93 25.02
C ILE B 112 7.56 1.17 26.09
N LYS B 113 7.43 0.45 27.21
CA LYS B 113 8.48 0.43 28.22
C LYS B 113 9.65 -0.43 27.74
N ARG B 114 10.88 0.04 27.95
CA ARG B 114 12.04 -0.75 27.57
C ARG B 114 13.18 -0.41 28.52
N THR B 115 14.33 -1.05 28.32
CA THR B 115 15.50 -0.83 29.18
C THR B 115 16.12 0.54 28.92
N VAL B 116 16.81 1.08 29.92
CA VAL B 116 17.53 2.34 29.73
C VAL B 116 18.53 2.18 28.59
N ALA B 117 18.68 3.23 27.78
CA ALA B 117 19.66 3.27 26.71
C ALA B 117 20.28 4.66 26.68
N ALA B 118 21.61 4.72 26.72
CA ALA B 118 22.29 6.01 26.73
C ALA B 118 22.34 6.61 25.33
N PRO B 119 22.14 7.91 25.19
CA PRO B 119 22.21 8.51 23.86
C PRO B 119 23.63 8.53 23.31
N SER B 120 23.73 8.36 22.00
CA SER B 120 24.92 8.75 21.27
C SER B 120 24.80 10.24 20.97
N VAL B 121 25.78 11.03 21.40
CA VAL B 121 25.67 12.49 21.35
C VAL B 121 26.64 13.02 20.29
N PHE B 122 26.12 13.88 19.41
CA PHE B 122 26.87 14.47 18.32
C PHE B 122 26.63 15.98 18.32
N ILE B 123 27.68 16.75 18.03
CA ILE B 123 27.57 18.19 17.95
C ILE B 123 28.03 18.65 16.56
N PHE B 124 27.26 19.58 15.98
CA PHE B 124 27.49 20.07 14.63
C PHE B 124 27.68 21.58 14.67
N PRO B 125 28.81 22.10 14.25
CA PRO B 125 28.95 23.55 14.07
C PRO B 125 28.04 24.07 12.99
N PRO B 126 27.79 25.37 12.96
CA PRO B 126 27.10 25.96 11.82
C PRO B 126 27.92 25.79 10.55
N SER B 127 27.23 25.65 9.43
CA SER B 127 27.90 25.60 8.14
C SER B 127 28.44 26.98 7.78
N ASP B 128 29.49 26.99 6.95
CA ASP B 128 30.00 28.27 6.46
C ASP B 128 28.95 28.99 5.61
N GLU B 129 28.13 28.23 4.88
CA GLU B 129 27.10 28.85 4.07
C GLU B 129 26.12 29.63 4.94
N GLN B 130 25.67 29.01 6.04
CA GLN B 130 24.75 29.75 6.92
C GLN B 130 25.41 30.97 7.53
N LEU B 131 26.67 30.83 7.96
CA LEU B 131 27.32 31.94 8.62
C LEU B 131 27.40 33.16 7.70
N LYS B 132 27.62 32.94 6.40
CA LYS B 132 27.67 34.05 5.47
C LYS B 132 26.38 34.86 5.50
N SER B 133 25.26 34.20 5.73
CA SER B 133 23.95 34.85 5.71
C SER B 133 23.60 35.55 7.02
N GLY B 134 24.46 35.49 8.03
CA GLY B 134 24.28 36.29 9.23
C GLY B 134 23.82 35.55 10.48
N THR B 135 23.57 34.25 10.41
CA THR B 135 23.06 33.50 11.56
C THR B 135 23.86 32.22 11.74
N ALA B 136 23.90 31.73 12.97
CA ALA B 136 24.65 30.52 13.31
C ALA B 136 23.75 29.58 14.10
N SER B 137 23.44 28.44 13.52
CA SER B 137 22.70 27.38 14.21
C SER B 137 23.70 26.30 14.61
N VAL B 138 23.74 25.98 15.90
CA VAL B 138 24.60 24.92 16.44
C VAL B 138 23.68 23.80 16.89
N VAL B 139 23.95 22.58 16.45
CA VAL B 139 23.00 21.48 16.65
C VAL B 139 23.64 20.38 17.47
N CYS B 140 22.94 19.98 18.52
CA CYS B 140 23.31 18.85 19.35
C CYS B 140 22.29 17.75 19.15
N LEU B 141 22.76 16.56 18.78
CA LEU B 141 21.90 15.42 18.54
C LEU B 141 22.09 14.38 19.64
N LEU B 142 20.98 13.93 20.22
CA LEU B 142 20.94 12.83 21.18
C LEU B 142 20.25 11.69 20.45
N ASN B 143 20.98 10.65 20.09
CA ASN B 143 20.44 9.62 19.23
C ASN B 143 20.16 8.33 19.97
N ASN B 144 18.94 7.83 19.81
CA ASN B 144 18.48 6.50 20.20
C ASN B 144 18.69 6.24 21.70
N PHE B 145 17.93 6.98 22.52
CA PHE B 145 18.05 6.85 23.97
C PHE B 145 16.70 6.57 24.61
N TYR B 146 16.74 6.13 25.87
CA TYR B 146 15.55 5.82 26.65
C TYR B 146 15.94 5.91 28.12
N PRO B 147 15.12 6.51 28.99
CA PRO B 147 13.82 7.11 28.71
C PRO B 147 13.92 8.50 28.07
N ARG B 148 12.76 9.10 27.83
CA ARG B 148 12.69 10.38 27.14
C ARG B 148 13.38 11.49 27.92
N GLU B 149 13.39 11.40 29.23
CA GLU B 149 13.84 12.51 30.06
C GLU B 149 15.37 12.66 30.00
N ALA B 150 15.80 13.84 29.58
CA ALA B 150 17.21 14.20 29.51
C ALA B 150 17.29 15.71 29.60
N LYS B 151 18.33 16.20 30.29
CA LYS B 151 18.56 17.62 30.46
C LYS B 151 19.72 18.01 29.57
N VAL B 152 19.48 18.90 28.62
CA VAL B 152 20.49 19.33 27.66
C VAL B 152 20.81 20.79 27.89
N SER B 153 22.08 21.09 28.18
CA SER B 153 22.53 22.44 28.47
C SER B 153 23.63 22.86 27.50
N TRP B 154 23.58 24.11 27.07
CA TRP B 154 24.58 24.68 26.18
C TRP B 154 25.56 25.55 26.96
N TYR B 155 26.85 25.42 26.62
CA TYR B 155 27.88 26.28 27.18
C TYR B 155 28.69 26.90 26.04
N VAL B 156 28.94 28.20 26.16
CA VAL B 156 29.72 28.97 25.20
C VAL B 156 30.86 29.61 25.99
N ASP B 157 32.08 29.23 25.68
CA ASP B 157 33.25 29.60 26.48
C ASP B 157 32.94 29.44 27.97
N ASN B 158 32.32 28.31 28.29
CA ASN B 158 32.00 27.88 29.67
C ASN B 158 30.92 28.71 30.35
N ALA B 159 30.18 29.52 29.61
CA ALA B 159 29.04 30.26 30.14
C ALA B 159 27.75 29.54 29.77
N LEU B 160 26.98 29.17 30.79
CA LEU B 160 25.70 28.51 30.57
C LEU B 160 24.76 29.40 29.79
N GLN B 161 24.17 28.85 28.73
CA GLN B 161 23.23 29.59 27.90
C GLN B 161 21.80 29.42 28.43
N SER B 162 21.00 30.46 28.24
CA SER B 162 19.58 30.40 28.57
C SER B 162 18.78 31.18 27.53
N GLY B 163 17.67 30.59 27.10
CA GLY B 163 16.70 31.29 26.29
C GLY B 163 16.99 31.33 24.81
N ASN B 164 18.11 30.76 24.36
CA ASN B 164 18.49 30.82 22.95
C ASN B 164 18.59 29.45 22.30
N SER B 165 17.89 28.46 22.82
CA SER B 165 17.87 27.15 22.17
C SER B 165 16.46 26.59 22.22
N GLN B 166 16.19 25.68 21.29
CA GLN B 166 14.92 24.97 21.20
C GLN B 166 15.21 23.50 20.94
N GLU B 167 14.34 22.65 21.49
CA GLU B 167 14.45 21.19 21.36
C GLU B 167 13.31 20.62 20.52
N SER B 168 13.61 19.51 19.84
CA SER B 168 12.62 18.72 19.13
C SER B 168 12.88 17.25 19.44
N VAL B 169 11.83 16.48 19.66
CA VAL B 169 12.02 15.07 20.01
C VAL B 169 11.19 14.22 19.07
N THR B 170 11.74 13.08 18.65
CA THR B 170 10.98 12.14 17.86
C THR B 170 10.02 11.35 18.73
N GLU B 171 9.05 10.72 18.07
CA GLU B 171 8.21 9.72 18.71
C GLU B 171 8.99 8.42 18.84
N GLN B 172 8.59 7.60 19.81
CA GLN B 172 9.25 6.32 20.01
C GLN B 172 9.40 5.57 18.70
N ASP B 173 10.59 5.03 18.50
CA ASP B 173 10.91 4.26 17.30
C ASP B 173 10.10 2.98 17.26
N SER B 174 9.53 2.68 16.09
CA SER B 174 8.69 1.49 15.95
C SER B 174 9.47 0.18 16.02
N LYS B 175 10.80 0.21 15.94
CA LYS B 175 11.58 -1.01 15.99
C LYS B 175 12.32 -1.21 17.31
N ASP B 176 13.01 -0.18 17.82
CA ASP B 176 13.76 -0.31 19.07
C ASP B 176 13.20 0.52 20.23
N SER B 177 12.11 1.26 20.02
CA SER B 177 11.39 1.95 21.08
C SER B 177 12.18 3.07 21.73
N THR B 178 13.25 3.53 21.08
CA THR B 178 14.04 4.64 21.60
C THR B 178 13.51 5.97 21.07
N TYR B 179 14.04 7.05 21.65
CA TYR B 179 13.83 8.42 21.22
C TYR B 179 15.12 9.00 20.64
N SER B 180 14.97 10.05 19.81
CA SER B 180 16.08 10.93 19.48
C SER B 180 15.64 12.36 19.70
N LEU B 181 16.60 13.23 19.99
CA LEU B 181 16.30 14.61 20.37
C LEU B 181 17.33 15.52 19.72
N SER B 182 16.89 16.68 19.26
CA SER B 182 17.80 17.72 18.81
C SER B 182 17.65 18.94 19.71
N SER B 183 18.76 19.56 20.04
CA SER B 183 18.75 20.88 20.66
C SER B 183 19.52 21.81 19.72
N THR B 184 18.92 22.93 19.35
CA THR B 184 19.52 23.85 18.40
C THR B 184 19.73 25.18 19.09
N LEU B 185 20.99 25.59 19.17
CA LEU B 185 21.39 26.88 19.69
C LEU B 185 21.47 27.85 18.52
N THR B 186 20.77 28.96 18.61
CA THR B 186 20.77 29.95 17.54
C THR B 186 21.40 31.23 18.05
N LEU B 187 22.43 31.68 17.34
CA LEU B 187 23.17 32.89 17.64
C LEU B 187 23.25 33.71 16.36
N SER B 188 23.38 35.03 16.50
CA SER B 188 23.78 35.84 15.36
C SER B 188 25.20 35.49 14.95
N LYS B 189 25.51 35.70 13.67
CA LYS B 189 26.89 35.51 13.24
C LYS B 189 27.86 36.28 14.13
N ALA B 190 27.50 37.53 14.46
CA ALA B 190 28.41 38.37 15.24
C ALA B 190 28.69 37.77 16.61
N ASP B 191 27.65 37.25 17.27
CA ASP B 191 27.84 36.64 18.59
C ASP B 191 28.61 35.33 18.48
N TYR B 192 28.33 34.52 17.46
CA TYR B 192 29.01 33.26 17.28
C TYR B 192 30.52 33.46 17.16
N GLU B 193 30.93 34.44 16.36
CA GLU B 193 32.36 34.63 16.08
C GLU B 193 33.10 35.32 17.22
N LYS B 194 32.43 35.68 18.31
CA LYS B 194 33.11 36.25 19.47
C LYS B 194 33.52 35.19 20.49
N HIS B 195 33.28 33.91 20.21
CA HIS B 195 33.55 32.87 21.19
C HIS B 195 34.16 31.66 20.50
N LYS B 196 34.87 30.87 21.31
CA LYS B 196 35.65 29.74 20.82
C LYS B 196 35.03 28.39 21.12
N VAL B 197 34.71 28.10 22.37
CA VAL B 197 34.34 26.75 22.77
C VAL B 197 32.81 26.65 22.83
N TYR B 198 32.27 25.68 22.08
CA TYR B 198 30.85 25.38 22.02
C TYR B 198 30.65 23.98 22.55
N ALA B 199 29.78 23.83 23.54
CA ALA B 199 29.61 22.55 24.19
C ALA B 199 28.15 22.28 24.50
N CYS B 200 27.74 21.05 24.25
CA CYS B 200 26.43 20.54 24.60
CA CYS B 200 26.43 20.59 24.67
C CYS B 200 26.61 19.47 25.68
N GLU B 201 25.99 19.66 26.84
CA GLU B 201 26.09 18.77 27.98
C GLU B 201 24.75 18.07 28.19
N VAL B 202 24.78 16.76 28.21
CA VAL B 202 23.61 15.91 28.24
C VAL B 202 23.64 15.11 29.52
N THR B 203 22.66 15.32 30.38
CA THR B 203 22.59 14.62 31.66
C THR B 203 21.39 13.68 31.71
N GLN B 204 21.66 12.44 32.09
CA GLN B 204 20.62 11.45 32.40
C GLN B 204 21.08 10.69 33.63
N GLY B 205 20.31 10.80 34.71
CA GLY B 205 20.69 10.12 35.94
C GLY B 205 22.07 10.55 36.39
N THR B 206 22.93 9.57 36.68
CA THR B 206 24.24 9.83 37.24
C THR B 206 25.30 10.13 36.21
N THR B 207 24.95 10.24 34.93
CA THR B 207 25.92 10.46 33.87
C THR B 207 25.66 11.78 33.15
N SER B 208 26.72 12.59 33.02
CA SER B 208 26.72 13.76 32.17
C SER B 208 27.77 13.56 31.08
N VAL B 209 27.36 13.74 29.83
CA VAL B 209 28.27 13.64 28.70
C VAL B 209 28.29 14.99 28.01
N THR B 210 29.49 15.51 27.77
CA THR B 210 29.68 16.79 27.09
C THR B 210 30.46 16.58 25.79
N LYS B 211 29.87 17.04 24.66
CA LYS B 211 30.53 17.02 23.37
C LYS B 211 30.77 18.49 23.00
N SER B 212 31.97 18.77 22.53
CA SER B 212 32.37 20.14 22.26
CA SER B 212 32.42 20.13 22.28
C SER B 212 33.14 20.25 20.94
N PHE B 213 33.23 21.49 20.46
CA PHE B 213 34.11 21.82 19.34
C PHE B 213 34.66 23.21 19.58
N ASN B 214 35.78 23.50 18.92
CA ASN B 214 36.40 24.82 18.91
C ASN B 214 36.10 25.48 17.57
N ARG B 215 35.59 26.69 17.61
CA ARG B 215 35.17 27.35 16.38
C ARG B 215 36.34 27.46 15.42
N GLY B 216 36.13 26.96 14.20
CA GLY B 216 37.11 27.06 13.14
C GLY B 216 38.14 25.95 13.07
N GLU B 217 38.09 24.97 13.97
CA GLU B 217 39.12 23.94 14.05
C GLU B 217 38.57 22.60 13.56
N CYS B 218 39.32 21.94 12.67
CA CYS B 218 38.97 20.60 12.23
C CYS B 218 40.12 19.98 11.41
N GLU C 1 17.70 -29.79 -18.55
CA GLU C 1 17.71 -29.95 -17.05
C GLU C 1 18.13 -28.55 -16.52
N VAL C 2 18.99 -28.46 -15.49
CA VAL C 2 19.21 -27.28 -14.66
C VAL C 2 17.83 -26.80 -14.25
N GLN C 3 17.48 -26.95 -12.97
CA GLN C 3 16.18 -26.59 -12.47
C GLN C 3 16.35 -25.77 -11.20
N LEU C 4 15.37 -24.91 -10.94
CA LEU C 4 15.25 -24.13 -9.73
C LEU C 4 13.81 -24.31 -9.24
N VAL C 5 13.62 -24.66 -7.97
CA VAL C 5 12.30 -24.98 -7.45
C VAL C 5 12.12 -24.23 -6.12
N GLU C 6 11.16 -23.30 -6.09
CA GLU C 6 10.86 -22.59 -4.84
C GLU C 6 10.08 -23.51 -3.89
N SER C 7 10.33 -23.33 -2.60
CA SER C 7 9.56 -23.99 -1.56
C SER C 7 9.47 -23.03 -0.37
N GLY C 8 8.57 -23.35 0.56
CA GLY C 8 8.38 -22.55 1.75
C GLY C 8 7.20 -21.60 1.70
N GLY C 9 6.44 -21.59 0.61
CA GLY C 9 5.32 -20.69 0.48
C GLY C 9 4.15 -21.08 1.36
N GLY C 10 3.12 -20.24 1.31
CA GLY C 10 1.92 -20.48 2.11
C GLY C 10 1.45 -19.24 2.82
N LEU C 11 0.73 -19.42 3.93
CA LEU C 11 0.10 -18.33 4.65
C LEU C 11 0.98 -17.82 5.79
N VAL C 12 1.08 -16.50 5.89
CA VAL C 12 1.86 -15.81 6.91
C VAL C 12 1.01 -14.67 7.48
N GLN C 13 1.14 -14.42 8.79
CA GLN C 13 0.40 -13.34 9.41
C GLN C 13 0.97 -11.98 9.01
N PRO C 14 0.13 -10.94 8.92
CA PRO C 14 0.67 -9.58 8.89
C PRO C 14 1.64 -9.41 10.05
N GLY C 15 2.76 -8.77 9.77
CA GLY C 15 3.80 -8.60 10.77
C GLY C 15 4.72 -9.78 10.94
N GLY C 16 4.40 -10.92 10.33
CA GLY C 16 5.28 -12.07 10.37
C GLY C 16 6.34 -12.00 9.28
N SER C 17 6.98 -13.15 9.05
CA SER C 17 8.07 -13.25 8.09
C SER C 17 7.88 -14.45 7.18
N LEU C 18 8.44 -14.35 5.99
CA LEU C 18 8.48 -15.47 5.05
C LEU C 18 9.92 -15.95 4.91
N ARG C 19 10.05 -17.26 4.73
CA ARG C 19 11.35 -17.89 4.44
C ARG C 19 11.14 -18.79 3.25
N LEU C 20 11.66 -18.41 2.10
CA LEU C 20 11.52 -19.18 0.88
C LEU C 20 12.87 -19.75 0.49
N SER C 21 12.89 -21.02 0.12
CA SER C 21 14.09 -21.67 -0.36
C SER C 21 13.96 -21.97 -1.85
N CYS C 22 15.10 -21.92 -2.53
CA CYS C 22 15.21 -22.18 -3.97
C CYS C 22 16.28 -23.25 -4.11
N THR C 23 15.88 -24.45 -4.54
CA THR C 23 16.79 -25.58 -4.59
C THR C 23 17.21 -25.81 -6.04
N ALA C 24 18.52 -25.79 -6.29
CA ALA C 24 19.05 -26.02 -7.61
C ALA C 24 19.24 -27.52 -7.85
N SER C 25 19.11 -27.92 -9.10
CA SER C 25 19.26 -29.31 -9.50
C SER C 25 19.86 -29.30 -10.90
N GLY C 26 20.92 -30.08 -11.09
CA GLY C 26 21.65 -30.08 -12.34
C GLY C 26 22.84 -29.15 -12.39
N PHE C 27 23.18 -28.51 -11.28
CA PHE C 27 24.33 -27.61 -11.21
C PHE C 27 24.46 -27.15 -9.77
N SER C 28 25.59 -26.49 -9.47
CA SER C 28 25.90 -26.06 -8.12
C SER C 28 25.38 -24.64 -7.88
N ILE C 29 24.79 -24.43 -6.70
CA ILE C 29 24.26 -23.12 -6.36
C ILE C 29 25.37 -22.08 -6.28
N ASP C 30 26.62 -22.52 -6.12
CA ASP C 30 27.75 -21.60 -6.02
C ASP C 30 28.17 -21.02 -7.35
N SER C 31 27.75 -21.61 -8.45
CA SER C 31 28.29 -21.26 -9.76
C SER C 31 27.68 -20.00 -10.34
N TYR C 32 26.52 -19.57 -9.85
CA TYR C 32 25.87 -18.39 -10.39
C TYR C 32 25.34 -17.51 -9.28
N GLY C 33 25.03 -16.27 -9.65
CA GLY C 33 24.24 -15.41 -8.80
C GLY C 33 22.75 -15.55 -9.08
N PHE C 34 21.93 -15.23 -8.10
CA PHE C 34 20.49 -15.47 -8.20
C PHE C 34 19.70 -14.28 -7.68
N SER C 35 18.60 -13.99 -8.35
CA SER C 35 17.66 -12.95 -7.96
C SER C 35 16.40 -13.59 -7.39
N TRP C 36 15.69 -12.80 -6.59
CA TRP C 36 14.31 -13.08 -6.24
C TRP C 36 13.44 -11.99 -6.85
N VAL C 37 12.35 -12.42 -7.47
CA VAL C 37 11.39 -11.54 -8.12
C VAL C 37 10.02 -11.95 -7.59
N ARG C 38 9.09 -11.00 -7.57
CA ARG C 38 7.73 -11.33 -7.15
C ARG C 38 6.71 -10.65 -8.05
N GLN C 39 5.47 -11.11 -7.94
CA GLN C 39 4.39 -10.61 -8.78
C GLN C 39 3.10 -10.72 -7.98
N ALA C 40 2.62 -9.58 -7.48
CA ALA C 40 1.35 -9.56 -6.80
C ALA C 40 0.22 -9.89 -7.77
N PRO C 41 -0.94 -10.32 -7.27
CA PRO C 41 -2.02 -10.75 -8.17
C PRO C 41 -2.43 -9.62 -9.11
N GLY C 42 -2.39 -9.92 -10.41
CA GLY C 42 -2.78 -8.98 -11.44
C GLY C 42 -1.75 -7.92 -11.80
N LYS C 43 -0.60 -7.88 -11.12
CA LYS C 43 0.34 -6.79 -11.27
C LYS C 43 1.58 -7.24 -12.02
N GLY C 44 2.58 -6.35 -12.07
CA GLY C 44 3.78 -6.60 -12.84
C GLY C 44 4.90 -7.19 -12.00
N LEU C 45 5.98 -7.54 -12.69
CA LEU C 45 7.12 -8.14 -12.02
C LEU C 45 7.87 -7.09 -11.21
N GLU C 46 8.33 -7.47 -10.02
CA GLU C 46 9.02 -6.58 -9.11
C GLU C 46 10.28 -7.27 -8.62
N HIS C 47 11.44 -6.70 -8.94
CA HIS C 47 12.69 -7.27 -8.47
C HIS C 47 12.85 -7.00 -6.99
N ILE C 48 13.37 -7.99 -6.27
CA ILE C 48 13.55 -7.91 -4.82
C ILE C 48 15.01 -7.68 -4.47
N GLY C 49 15.90 -8.52 -5.00
CA GLY C 49 17.31 -8.49 -4.62
C GLY C 49 18.08 -9.55 -5.39
N TYR C 50 19.40 -9.47 -5.28
CA TYR C 50 20.32 -10.26 -6.11
C TYR C 50 21.54 -10.62 -5.27
N LEU C 51 21.91 -11.90 -5.30
CA LEU C 51 23.07 -12.42 -4.56
C LEU C 51 24.10 -12.90 -5.56
N THR C 52 25.23 -12.20 -5.65
CA THR C 52 26.24 -12.56 -6.63
C THR C 52 26.79 -13.95 -6.36
N ALA C 53 27.40 -14.54 -7.39
CA ALA C 53 28.07 -15.82 -7.20
C ALA C 53 29.10 -15.73 -6.07
N GLY C 54 29.73 -14.57 -5.92
CA GLY C 54 30.80 -14.42 -4.94
C GLY C 54 30.33 -14.29 -3.50
N GLY C 55 29.05 -14.02 -3.27
CA GLY C 55 28.48 -14.04 -1.94
C GLY C 55 28.00 -12.71 -1.39
N ARG C 56 27.90 -11.69 -2.23
CA ARG C 56 27.46 -10.36 -1.81
C ARG C 56 26.04 -10.11 -2.29
N ALA C 57 25.20 -9.59 -1.40
CA ALA C 57 23.79 -9.37 -1.68
C ALA C 57 23.49 -7.90 -1.94
N PHE C 58 22.54 -7.67 -2.84
CA PHE C 58 22.11 -6.32 -3.21
C PHE C 58 20.59 -6.31 -3.33
N TYR C 59 19.96 -5.31 -2.75
CA TYR C 59 18.51 -5.29 -2.60
C TYR C 59 17.93 -4.02 -3.22
N ALA C 60 16.79 -4.19 -3.87
CA ALA C 60 16.02 -3.03 -4.30
C ALA C 60 15.69 -2.16 -3.09
N SER C 61 15.57 -0.85 -3.32
CA SER C 61 15.39 0.07 -2.21
C SER C 61 14.15 -0.30 -1.40
N TRP C 62 13.03 -0.56 -2.07
CA TRP C 62 11.77 -0.81 -1.36
C TRP C 62 11.85 -2.01 -0.43
N ALA C 63 12.78 -2.95 -0.69
CA ALA C 63 12.88 -4.18 0.08
C ALA C 63 14.09 -4.25 0.99
N LYS C 64 15.01 -3.29 0.88
CA LYS C 64 16.29 -3.42 1.57
C LYS C 64 16.12 -3.59 3.08
N SER C 65 15.14 -2.91 3.67
CA SER C 65 15.05 -2.87 5.13
C SER C 65 14.53 -4.16 5.73
N ARG C 66 13.85 -5.00 4.95
CA ARG C 66 13.20 -6.18 5.48
C ARG C 66 13.71 -7.49 4.91
N SER C 67 14.52 -7.46 3.85
CA SER C 67 14.84 -8.66 3.08
C SER C 67 16.29 -9.09 3.30
N THR C 68 16.48 -10.41 3.31
CA THR C 68 17.80 -11.04 3.38
C THR C 68 17.84 -12.19 2.39
N ILE C 69 18.90 -12.24 1.58
CA ILE C 69 19.12 -13.32 0.62
C ILE C 69 20.44 -14.00 0.96
N THR C 70 20.40 -15.30 1.17
CA THR C 70 21.58 -16.07 1.56
C THR C 70 21.66 -17.35 0.73
N ARG C 71 22.79 -18.05 0.88
CA ARG C 71 23.10 -19.27 0.14
C ARG C 71 23.53 -20.35 1.12
N ASN C 72 23.24 -21.60 0.77
CA ASN C 72 23.65 -22.76 1.56
C ASN C 72 24.13 -23.82 0.58
N THR C 73 25.44 -24.00 0.46
CA THR C 73 25.99 -24.94 -0.52
C THR C 73 25.71 -26.38 -0.14
N ASN C 74 25.65 -26.68 1.16
CA ASN C 74 25.42 -28.05 1.60
C ASN C 74 24.02 -28.53 1.25
N GLU C 75 23.07 -27.61 1.09
CA GLU C 75 21.74 -27.93 0.62
C GLU C 75 21.52 -27.57 -0.85
N ASN C 76 22.45 -26.83 -1.45
CA ASN C 76 22.36 -26.36 -2.84
C ASN C 76 21.21 -25.38 -3.02
N THR C 77 21.01 -24.50 -2.06
CA THR C 77 19.88 -23.60 -2.04
C THR C 77 20.31 -22.15 -1.90
N VAL C 78 19.47 -21.27 -2.43
CA VAL C 78 19.46 -19.86 -2.07
C VAL C 78 18.13 -19.61 -1.34
N THR C 79 18.14 -18.67 -0.41
CA THR C 79 17.01 -18.46 0.48
C THR C 79 16.66 -16.98 0.56
N LEU C 80 15.35 -16.68 0.58
CA LEU C 80 14.87 -15.33 0.80
C LEU C 80 14.12 -15.27 2.13
N LYS C 81 14.55 -14.36 3.00
CA LYS C 81 13.83 -14.03 4.22
C LYS C 81 13.34 -12.59 4.14
N MET C 82 12.07 -12.38 4.49
CA MET C 82 11.47 -11.05 4.52
C MET C 82 10.61 -10.95 5.77
N ASN C 83 10.83 -9.93 6.58
CA ASN C 83 10.06 -9.79 7.81
C ASN C 83 9.14 -8.58 7.73
N SER C 84 8.41 -8.34 8.82
CA SER C 84 7.47 -7.23 8.92
C SER C 84 6.55 -7.17 7.70
N LEU C 85 5.96 -8.32 7.38
CA LEU C 85 5.20 -8.44 6.15
C LEU C 85 3.85 -7.74 6.24
N ARG C 86 3.36 -7.30 5.09
CA ARG C 86 2.10 -6.61 4.98
C ARG C 86 1.23 -7.27 3.91
N ALA C 87 -0.06 -6.95 3.96
CA ALA C 87 -0.98 -7.49 2.97
C ALA C 87 -0.46 -7.30 1.55
N GLU C 88 0.20 -6.18 1.27
CA GLU C 88 0.68 -5.92 -0.09
C GLU C 88 1.84 -6.82 -0.50
N ASP C 89 2.43 -7.57 0.44
CA ASP C 89 3.49 -8.52 0.14
C ASP C 89 2.94 -9.86 -0.33
N THR C 90 1.61 -9.98 -0.42
CA THR C 90 0.99 -11.16 -1.02
C THR C 90 1.35 -11.20 -2.50
N ALA C 91 1.96 -12.31 -2.94
CA ALA C 91 2.43 -12.41 -4.30
C ALA C 91 3.00 -13.79 -4.55
N VAL C 92 3.21 -14.09 -5.83
CA VAL C 92 4.02 -15.23 -6.24
C VAL C 92 5.47 -14.80 -6.23
N TYR C 93 6.31 -15.54 -5.52
CA TYR C 93 7.73 -15.26 -5.43
C TYR C 93 8.51 -16.24 -6.29
N TYR C 94 9.37 -15.72 -7.16
CA TYR C 94 10.22 -16.52 -8.04
C TYR C 94 11.69 -16.32 -7.66
N CYS C 95 12.47 -17.39 -7.73
CA CYS C 95 13.92 -17.29 -7.78
C CYS C 95 14.36 -17.44 -9.22
N ALA C 96 15.39 -16.70 -9.61
CA ALA C 96 15.80 -16.73 -11.00
C ALA C 96 17.25 -16.29 -11.17
N LYS C 97 17.95 -16.96 -12.07
CA LYS C 97 19.15 -16.42 -12.70
C LYS C 97 18.67 -15.68 -13.94
N LEU C 98 18.62 -14.34 -13.86
CA LEU C 98 17.84 -13.57 -14.81
C LEU C 98 18.45 -13.56 -16.21
N GLY C 99 19.78 -13.64 -16.31
CA GLY C 99 20.42 -13.67 -17.62
C GLY C 99 20.10 -12.48 -18.50
N SER C 100 20.27 -11.27 -17.97
CA SER C 100 19.96 -10.07 -18.74
C SER C 100 20.97 -9.86 -19.86
N GLY C 101 22.22 -10.28 -19.67
CA GLY C 101 23.25 -10.12 -20.69
C GLY C 101 24.07 -11.38 -20.90
N ASN C 102 23.72 -12.45 -20.19
CA ASN C 102 24.36 -13.75 -20.22
C ASN C 102 23.43 -14.76 -20.88
N PRO C 103 23.94 -15.68 -21.70
CA PRO C 103 23.05 -16.63 -22.38
C PRO C 103 22.36 -17.63 -21.45
N VAL C 104 22.70 -17.66 -20.16
CA VAL C 104 22.13 -18.63 -19.23
C VAL C 104 21.05 -17.92 -18.41
N ALA C 105 19.82 -18.43 -18.51
CA ALA C 105 18.70 -17.98 -17.69
C ALA C 105 18.04 -19.19 -17.07
N ILE C 106 17.58 -19.05 -15.83
CA ILE C 106 16.91 -20.14 -15.13
C ILE C 106 15.84 -19.53 -14.23
N TRP C 107 14.62 -20.06 -14.30
CA TRP C 107 13.53 -19.57 -13.49
C TRP C 107 12.87 -20.72 -12.75
N GLY C 108 12.52 -20.48 -11.49
CA GLY C 108 11.65 -21.37 -10.77
C GLY C 108 10.23 -21.24 -11.27
N GLN C 109 9.36 -22.08 -10.73
CA GLN C 109 7.94 -22.06 -11.08
C GLN C 109 7.15 -21.04 -10.26
N GLY C 110 7.73 -20.51 -9.20
CA GLY C 110 7.02 -19.57 -8.35
C GLY C 110 6.28 -20.26 -7.22
N THR C 111 6.13 -19.55 -6.12
CA THR C 111 5.38 -20.04 -4.96
C THR C 111 4.62 -18.88 -4.34
N LEU C 112 3.37 -19.12 -4.00
CA LEU C 112 2.48 -18.09 -3.52
C LEU C 112 2.59 -17.90 -2.02
N VAL C 113 2.86 -16.68 -1.60
CA VAL C 113 2.82 -16.27 -0.20
C VAL C 113 1.62 -15.35 -0.02
N THR C 114 0.77 -15.68 0.94
CA THR C 114 -0.41 -14.87 1.27
C THR C 114 -0.21 -14.29 2.65
N VAL C 115 -0.27 -12.97 2.76
CA VAL C 115 -0.13 -12.28 4.04
C VAL C 115 -1.52 -11.80 4.46
N SER C 116 -2.07 -12.46 5.46
CA SER C 116 -3.44 -12.21 5.90
C SER C 116 -3.65 -12.85 7.26
N SER C 117 -4.48 -12.22 8.07
CA SER C 117 -4.91 -12.82 9.34
C SER C 117 -6.16 -13.69 9.17
N ALA C 118 -6.69 -13.81 7.96
CA ALA C 118 -7.79 -14.74 7.72
C ALA C 118 -7.32 -16.17 7.96
N SER C 119 -8.25 -17.06 8.30
CA SER C 119 -7.95 -18.47 8.55
C SER C 119 -8.30 -19.31 7.32
N THR C 120 -7.49 -20.35 7.08
CA THR C 120 -7.72 -21.25 5.96
C THR C 120 -9.09 -21.90 6.07
N LYS C 121 -9.83 -21.89 4.96
CA LYS C 121 -11.22 -22.31 4.91
C LYS C 121 -11.52 -22.81 3.49
N GLY C 122 -12.09 -24.01 3.38
CA GLY C 122 -12.52 -24.52 2.10
C GLY C 122 -13.79 -23.84 1.65
N PRO C 123 -14.11 -23.92 0.36
CA PRO C 123 -15.23 -23.12 -0.17
C PRO C 123 -16.60 -23.72 0.12
N SER C 124 -17.59 -22.84 0.14
CA SER C 124 -18.98 -23.23 -0.07
C SER C 124 -19.26 -23.14 -1.56
N VAL C 125 -19.94 -24.13 -2.11
CA VAL C 125 -20.17 -24.18 -3.55
C VAL C 125 -21.66 -24.20 -3.80
N PHE C 126 -22.16 -23.15 -4.47
CA PHE C 126 -23.58 -22.99 -4.69
C PHE C 126 -23.89 -23.11 -6.18
N PRO C 127 -25.08 -23.60 -6.53
CA PRO C 127 -25.43 -23.72 -7.95
C PRO C 127 -25.78 -22.38 -8.58
N LEU C 128 -25.35 -22.22 -9.83
CA LEU C 128 -25.82 -21.19 -10.74
C LEU C 128 -26.73 -21.90 -11.74
N ALA C 129 -28.03 -21.78 -11.53
CA ALA C 129 -29.01 -22.43 -12.40
C ALA C 129 -30.00 -21.40 -12.90
N PRO C 130 -30.42 -21.48 -14.18
CA PRO C 130 -31.33 -20.45 -14.71
C PRO C 130 -32.63 -20.30 -13.89
N SER C 136 -34.53 -17.61 -23.20
CA SER C 136 -33.69 -16.90 -24.16
C SER C 136 -33.63 -17.64 -25.49
N GLY C 137 -33.33 -18.94 -25.44
CA GLY C 137 -33.21 -19.74 -26.65
C GLY C 137 -32.70 -21.15 -26.46
N GLY C 138 -31.88 -21.62 -27.39
CA GLY C 138 -31.41 -22.99 -27.40
C GLY C 138 -30.14 -23.26 -26.62
N THR C 139 -29.50 -22.23 -26.08
CA THR C 139 -28.29 -22.37 -25.28
C THR C 139 -28.56 -21.87 -23.88
N ALA C 140 -28.27 -22.71 -22.88
CA ALA C 140 -28.44 -22.36 -21.48
C ALA C 140 -27.07 -22.21 -20.83
N ALA C 141 -27.02 -21.42 -19.76
CA ALA C 141 -25.82 -21.26 -18.96
C ALA C 141 -26.09 -21.85 -17.58
N LEU C 142 -25.09 -22.52 -17.04
CA LEU C 142 -25.13 -23.01 -15.67
C LEU C 142 -23.75 -22.80 -15.08
N GLY C 143 -23.63 -23.01 -13.77
CA GLY C 143 -22.34 -22.78 -13.16
C GLY C 143 -22.34 -23.12 -11.68
N CYS C 144 -21.20 -22.83 -11.06
CA CYS C 144 -20.97 -23.01 -9.64
CA CYS C 144 -21.02 -22.98 -9.63
C CYS C 144 -20.36 -21.73 -9.09
N LEU C 145 -20.94 -21.21 -8.01
CA LEU C 145 -20.39 -20.08 -7.27
C LEU C 145 -19.53 -20.67 -6.17
N VAL C 146 -18.24 -20.40 -6.21
CA VAL C 146 -17.26 -21.00 -5.31
C VAL C 146 -16.91 -19.89 -4.33
N LYS C 147 -17.53 -19.89 -3.16
CA LYS C 147 -17.55 -18.71 -2.31
C LYS C 147 -16.83 -18.94 -0.99
N ASP C 148 -16.12 -17.90 -0.55
CA ASP C 148 -15.67 -17.78 0.85
C ASP C 148 -14.63 -18.85 1.20
N TYR C 149 -13.63 -19.00 0.34
CA TYR C 149 -12.51 -19.88 0.61
C TYR C 149 -11.27 -19.03 0.90
N PHE C 150 -10.28 -19.67 1.51
CA PHE C 150 -9.03 -18.99 1.80
C PHE C 150 -7.91 -19.98 2.09
N PRO C 151 -6.67 -19.73 1.63
CA PRO C 151 -6.22 -18.72 0.68
C PRO C 151 -6.47 -19.24 -0.73
N GLU C 152 -5.97 -18.52 -1.73
CA GLU C 152 -5.85 -19.08 -3.05
C GLU C 152 -4.88 -20.26 -3.05
N PRO C 153 -4.99 -21.17 -4.03
CA PRO C 153 -5.95 -21.20 -5.14
C PRO C 153 -7.01 -22.29 -5.03
N VAL C 154 -8.02 -22.21 -5.90
CA VAL C 154 -8.91 -23.33 -6.17
C VAL C 154 -8.79 -23.70 -7.64
N THR C 155 -9.08 -24.96 -7.94
CA THR C 155 -9.22 -25.43 -9.31
C THR C 155 -10.65 -25.91 -9.48
N VAL C 156 -11.16 -25.79 -10.71
CA VAL C 156 -12.53 -26.18 -11.01
C VAL C 156 -12.51 -26.98 -12.31
N SER C 157 -13.12 -28.16 -12.29
CA SER C 157 -13.41 -28.94 -13.48
C SER C 157 -14.90 -29.20 -13.54
N TRP C 158 -15.34 -29.72 -14.69
CA TRP C 158 -16.73 -30.11 -14.87
C TRP C 158 -16.79 -31.57 -15.32
N ASN C 159 -17.71 -32.32 -14.71
CA ASN C 159 -17.87 -33.74 -14.97
C ASN C 159 -16.52 -34.45 -14.99
N SER C 160 -15.74 -34.20 -13.93
CA SER C 160 -14.44 -34.84 -13.72
C SER C 160 -13.47 -34.65 -14.88
N GLY C 161 -13.62 -33.56 -15.62
CA GLY C 161 -12.73 -33.25 -16.71
C GLY C 161 -13.29 -33.59 -18.08
N ALA C 162 -14.39 -34.35 -18.14
CA ALA C 162 -14.96 -34.74 -19.43
C ALA C 162 -15.64 -33.59 -20.15
N LEU C 163 -15.99 -32.51 -19.46
CA LEU C 163 -16.61 -31.34 -20.08
C LEU C 163 -15.64 -30.17 -19.98
N THR C 164 -15.16 -29.70 -21.13
CA THR C 164 -14.24 -28.57 -21.17
C THR C 164 -14.74 -27.50 -22.15
N SER C 165 -15.51 -27.91 -23.15
CA SER C 165 -15.98 -26.97 -24.15
C SER C 165 -16.99 -26.00 -23.57
N GLY C 166 -16.75 -24.72 -23.79
CA GLY C 166 -17.64 -23.69 -23.32
C GLY C 166 -17.51 -23.35 -21.86
N VAL C 167 -16.54 -23.94 -21.15
CA VAL C 167 -16.32 -23.63 -19.75
C VAL C 167 -15.53 -22.34 -19.62
N HIS C 168 -15.97 -21.48 -18.71
CA HIS C 168 -15.22 -20.28 -18.32
C HIS C 168 -15.12 -20.26 -16.81
N THR C 169 -13.90 -20.35 -16.28
CA THR C 169 -13.66 -20.19 -14.85
C THR C 169 -12.98 -18.85 -14.63
N PHE C 170 -13.64 -18.00 -13.89
CA PHE C 170 -13.21 -16.62 -13.73
C PHE C 170 -12.09 -16.49 -12.70
N PRO C 171 -11.27 -15.45 -12.82
CA PRO C 171 -10.29 -15.16 -11.77
C PRO C 171 -10.99 -14.90 -10.44
N ALA C 172 -10.36 -15.33 -9.35
CA ALA C 172 -10.93 -15.06 -8.05
C ALA C 172 -10.87 -13.58 -7.73
N VAL C 173 -11.82 -13.13 -6.91
CA VAL C 173 -11.80 -11.79 -6.33
C VAL C 173 -11.60 -11.93 -4.82
N LEU C 174 -10.77 -11.04 -4.26
CA LEU C 174 -10.61 -10.95 -2.81
C LEU C 174 -11.72 -10.05 -2.27
N GLN C 175 -12.65 -10.65 -1.54
CA GLN C 175 -13.80 -9.92 -1.03
C GLN C 175 -13.37 -9.09 0.19
N SER C 176 -14.20 -8.09 0.50
CA SER C 176 -13.91 -7.25 1.66
C SER C 176 -13.79 -8.04 2.95
N SER C 177 -14.39 -9.24 2.99
CA SER C 177 -14.29 -10.10 4.17
C SER C 177 -12.90 -10.69 4.37
N GLY C 178 -12.01 -10.59 3.39
CA GLY C 178 -10.74 -11.26 3.44
C GLY C 178 -10.76 -12.65 2.85
N LEU C 179 -11.89 -13.09 2.30
CA LEU C 179 -12.07 -14.40 1.71
C LEU C 179 -12.26 -14.25 0.21
N TYR C 180 -11.88 -15.28 -0.53
CA TYR C 180 -11.95 -15.27 -1.98
C TYR C 180 -13.26 -15.87 -2.47
N SER C 181 -13.60 -15.52 -3.71
CA SER C 181 -14.77 -16.05 -4.38
C SER C 181 -14.53 -16.02 -5.88
N LEU C 182 -15.07 -17.01 -6.57
CA LEU C 182 -15.13 -17.00 -8.03
C LEU C 182 -16.30 -17.85 -8.49
N SER C 183 -16.63 -17.70 -9.78
CA SER C 183 -17.63 -18.53 -10.43
C SER C 183 -17.01 -19.25 -11.61
N SER C 184 -17.50 -20.46 -11.87
CA SER C 184 -17.17 -21.23 -13.06
C SER C 184 -18.49 -21.52 -13.77
N VAL C 185 -18.55 -21.23 -15.06
CA VAL C 185 -19.80 -21.34 -15.80
C VAL C 185 -19.54 -22.17 -17.05
N VAL C 186 -20.61 -22.70 -17.61
CA VAL C 186 -20.52 -23.46 -18.85
C VAL C 186 -21.84 -23.26 -19.60
N THR C 187 -21.75 -23.12 -20.91
CA THR C 187 -22.94 -23.08 -21.76
C THR C 187 -23.16 -24.45 -22.37
N VAL C 188 -24.42 -24.88 -22.41
CA VAL C 188 -24.81 -26.20 -22.88
C VAL C 188 -26.11 -26.06 -23.67
N PRO C 189 -26.43 -27.08 -24.47
CA PRO C 189 -27.74 -27.08 -25.15
C PRO C 189 -28.87 -27.11 -24.14
N SER C 190 -29.83 -26.20 -24.33
CA SER C 190 -31.01 -26.17 -23.47
C SER C 190 -31.71 -27.51 -23.41
N SER C 191 -31.67 -28.27 -24.51
CA SER C 191 -32.35 -29.56 -24.52
C SER C 191 -31.70 -30.56 -23.56
N SER C 192 -30.40 -30.39 -23.27
CA SER C 192 -29.68 -31.37 -22.48
C SER C 192 -29.98 -31.30 -20.98
N LEU C 193 -30.67 -30.26 -20.51
CA LEU C 193 -30.75 -30.02 -19.08
C LEU C 193 -31.53 -31.11 -18.35
N GLY C 194 -32.60 -31.62 -18.97
CA GLY C 194 -33.38 -32.66 -18.31
C GLY C 194 -32.65 -33.98 -18.24
N THR C 195 -31.73 -34.22 -19.17
CA THR C 195 -31.06 -35.51 -19.32
C THR C 195 -29.66 -35.49 -18.75
N GLN C 196 -28.79 -34.63 -19.27
CA GLN C 196 -27.38 -34.67 -18.91
C GLN C 196 -27.17 -34.19 -17.49
N THR C 197 -26.22 -34.82 -16.80
CA THR C 197 -25.82 -34.44 -15.46
C THR C 197 -24.60 -33.53 -15.52
N TYR C 198 -24.64 -32.43 -14.78
CA TYR C 198 -23.55 -31.46 -14.74
C TYR C 198 -23.10 -31.33 -13.29
N ILE C 199 -21.83 -31.61 -13.06
CA ILE C 199 -21.22 -31.57 -11.74
C ILE C 199 -19.95 -30.75 -11.84
N CYS C 200 -19.80 -29.76 -10.97
CA CYS C 200 -18.54 -29.02 -10.89
C CYS C 200 -17.68 -29.62 -9.78
N ASN C 201 -16.41 -29.83 -10.09
CA ASN C 201 -15.46 -30.44 -9.17
C ASN C 201 -14.48 -29.37 -8.71
N VAL C 202 -14.56 -29.00 -7.44
CA VAL C 202 -13.83 -27.86 -6.90
C VAL C 202 -12.81 -28.37 -5.89
N ASN C 203 -11.52 -28.16 -6.18
CA ASN C 203 -10.45 -28.64 -5.31
C ASN C 203 -9.75 -27.43 -4.67
N HIS C 204 -9.59 -27.47 -3.35
CA HIS C 204 -8.95 -26.40 -2.58
C HIS C 204 -7.82 -27.05 -1.77
N LYS C 205 -6.66 -27.23 -2.40
CA LYS C 205 -5.58 -27.94 -1.73
C LYS C 205 -5.16 -27.31 -0.41
N PRO C 206 -5.22 -25.99 -0.21
CA PRO C 206 -4.77 -25.46 1.09
C PRO C 206 -5.56 -25.98 2.28
N SER C 207 -6.83 -26.35 2.10
CA SER C 207 -7.65 -26.92 3.16
C SER C 207 -7.85 -28.41 3.01
N ASN C 208 -7.21 -29.02 2.01
CA ASN C 208 -7.41 -30.42 1.64
C ASN C 208 -8.90 -30.74 1.52
N THR C 209 -9.64 -29.85 0.85
CA THR C 209 -11.07 -29.99 0.64
C THR C 209 -11.35 -30.08 -0.86
N LYS C 210 -12.19 -31.03 -1.24
CA LYS C 210 -12.75 -31.14 -2.58
C LYS C 210 -14.26 -31.13 -2.45
N VAL C 211 -14.94 -30.39 -3.32
CA VAL C 211 -16.39 -30.35 -3.34
C VAL C 211 -16.85 -30.74 -4.73
N ASP C 212 -17.80 -31.67 -4.81
CA ASP C 212 -18.46 -32.04 -6.06
C ASP C 212 -19.91 -31.62 -5.92
N LYS C 213 -20.35 -30.67 -6.74
CA LYS C 213 -21.69 -30.12 -6.67
C LYS C 213 -22.43 -30.45 -7.97
N LYS C 214 -23.52 -31.20 -7.84
CA LYS C 214 -24.44 -31.41 -8.96
C LYS C 214 -25.32 -30.18 -9.14
N VAL C 215 -25.37 -29.65 -10.35
CA VAL C 215 -26.09 -28.41 -10.64
C VAL C 215 -27.35 -28.78 -11.40
N GLU C 216 -28.49 -28.69 -10.73
CA GLU C 216 -29.75 -29.10 -11.33
C GLU C 216 -30.61 -27.89 -11.64
N PRO C 217 -31.41 -27.94 -12.70
CA PRO C 217 -32.32 -26.81 -12.97
C PRO C 217 -33.28 -26.59 -11.81
N LYS C 218 -33.68 -25.33 -11.63
CA LYS C 218 -34.71 -24.91 -10.69
C LYS C 218 -34.35 -25.10 -9.23
N ASP D 1 17.17 4.22 -7.30
CA ASP D 1 15.94 3.78 -8.01
C ASP D 1 16.16 3.74 -9.50
N ILE D 2 16.90 2.74 -9.96
CA ILE D 2 17.11 2.52 -11.39
C ILE D 2 15.80 2.09 -12.01
N GLN D 3 15.34 2.81 -13.03
CA GLN D 3 14.02 2.58 -13.59
C GLN D 3 14.08 2.44 -15.11
N MET D 4 13.12 1.67 -15.63
CA MET D 4 12.95 1.49 -17.07
C MET D 4 11.47 1.69 -17.38
N THR D 5 11.18 2.67 -18.24
CA THR D 5 9.81 3.02 -18.60
C THR D 5 9.46 2.34 -19.92
N GLN D 6 8.32 1.67 -19.94
CA GLN D 6 7.88 0.86 -21.07
C GLN D 6 6.67 1.52 -21.73
N SER D 7 6.68 1.54 -23.07
CA SER D 7 5.60 2.11 -23.86
C SER D 7 5.35 1.21 -25.05
N PRO D 8 4.08 1.00 -25.44
CA PRO D 8 2.87 1.42 -24.71
C PRO D 8 2.60 0.51 -23.52
N SER D 9 1.70 0.92 -22.63
CA SER D 9 1.31 0.07 -21.49
C SER D 9 0.32 -1.02 -21.90
N SER D 10 -0.31 -0.87 -23.06
CA SER D 10 -1.15 -1.91 -23.63
C SER D 10 -1.20 -1.68 -25.13
N LEU D 11 -1.65 -2.70 -25.86
CA LEU D 11 -1.88 -2.51 -27.28
C LEU D 11 -2.72 -3.65 -27.83
N SER D 12 -3.58 -3.32 -28.78
CA SER D 12 -4.40 -4.28 -29.50
C SER D 12 -3.96 -4.28 -30.95
N ALA D 13 -3.79 -5.46 -31.53
CA ALA D 13 -3.27 -5.59 -32.87
C ALA D 13 -3.81 -6.86 -33.49
N SER D 14 -3.76 -6.93 -34.81
CA SER D 14 -4.28 -8.07 -35.54
C SER D 14 -3.15 -9.03 -35.89
N VAL D 15 -3.54 -10.27 -36.20
CA VAL D 15 -2.56 -11.28 -36.61
C VAL D 15 -1.83 -10.78 -37.85
N GLY D 16 -0.51 -10.90 -37.83
CA GLY D 16 0.31 -10.45 -38.93
C GLY D 16 0.81 -9.03 -38.82
N ASP D 17 0.25 -8.24 -37.91
CA ASP D 17 0.71 -6.88 -37.73
C ASP D 17 2.15 -6.86 -37.23
N ARG D 18 2.85 -5.78 -37.56
CA ARG D 18 4.14 -5.49 -36.95
C ARG D 18 3.89 -4.70 -35.66
N VAL D 19 4.45 -5.19 -34.56
CA VAL D 19 4.32 -4.52 -33.28
C VAL D 19 5.71 -4.13 -32.80
N THR D 20 5.77 -3.02 -32.07
CA THR D 20 7.01 -2.53 -31.47
C THR D 20 6.72 -2.07 -30.06
N ILE D 21 7.56 -2.51 -29.12
CA ILE D 21 7.50 -2.11 -27.72
C ILE D 21 8.83 -1.47 -27.37
N THR D 22 8.78 -0.33 -26.69
CA THR D 22 9.98 0.42 -26.36
C THR D 22 10.15 0.55 -24.85
N CYS D 23 11.41 0.60 -24.42
CA CYS D 23 11.79 0.62 -23.02
C CYS D 23 12.89 1.65 -22.85
N ARG D 24 12.63 2.68 -22.04
CA ARG D 24 13.58 3.78 -21.86
C ARG D 24 14.19 3.68 -20.47
N ALA D 25 15.50 3.44 -20.42
CA ALA D 25 16.21 3.35 -19.15
C ALA D 25 16.61 4.74 -18.67
N SER D 26 16.58 4.90 -17.34
CA SER D 26 17.01 6.16 -16.73
C SER D 26 18.52 6.33 -16.74
N GLN D 27 19.27 5.34 -17.20
CA GLN D 27 20.72 5.35 -17.13
C GLN D 27 21.27 4.35 -18.14
N SER D 28 22.59 4.40 -18.33
CA SER D 28 23.26 3.43 -19.17
C SER D 28 23.29 2.07 -18.48
N VAL D 29 22.91 1.02 -19.21
CA VAL D 29 22.88 -0.32 -18.62
C VAL D 29 24.31 -0.82 -18.43
N TRP D 30 24.50 -1.66 -17.41
CA TRP D 30 25.80 -2.26 -17.16
C TRP D 30 26.39 -2.81 -18.45
N ARG D 31 27.65 -2.47 -18.70
CA ARG D 31 28.38 -2.87 -19.90
C ARG D 31 27.70 -2.39 -21.18
N ASN D 32 26.69 -1.53 -21.07
CA ASN D 32 25.87 -1.12 -22.21
C ASN D 32 25.46 -2.34 -23.04
N LYS D 33 24.90 -3.35 -22.35
CA LYS D 33 24.47 -4.56 -23.05
C LYS D 33 23.44 -5.37 -22.28
N ASN D 34 23.30 -5.14 -20.97
CA ASN D 34 22.52 -6.03 -20.12
C ASN D 34 21.05 -5.63 -20.13
N VAL D 35 20.38 -5.94 -21.23
CA VAL D 35 18.95 -5.71 -21.38
C VAL D 35 18.33 -6.96 -21.99
N ALA D 36 17.29 -7.48 -21.34
CA ALA D 36 16.60 -8.66 -21.78
C ALA D 36 15.11 -8.38 -21.89
N TRP D 37 14.44 -9.15 -22.73
CA TRP D 37 12.99 -9.05 -22.92
C TRP D 37 12.34 -10.36 -22.51
N TYR D 38 11.31 -10.27 -21.68
CA TYR D 38 10.60 -11.42 -21.15
C TYR D 38 9.16 -11.43 -21.63
N GLN D 39 8.59 -12.63 -21.74
CA GLN D 39 7.20 -12.83 -22.14
C GLN D 39 6.48 -13.64 -21.08
N GLN D 40 5.32 -13.16 -20.63
CA GLN D 40 4.53 -13.87 -19.64
C GLN D 40 3.13 -14.09 -20.15
N LYS D 41 2.76 -15.36 -20.34
CA LYS D 41 1.40 -15.75 -20.69
C LYS D 41 0.61 -16.08 -19.43
N PRO D 42 -0.71 -15.99 -19.49
CA PRO D 42 -1.52 -16.07 -18.26
C PRO D 42 -1.24 -17.36 -17.49
N GLY D 43 -0.93 -17.19 -16.20
CA GLY D 43 -0.73 -18.32 -15.32
C GLY D 43 0.62 -19.00 -15.41
N LYS D 44 1.51 -18.53 -16.27
CA LYS D 44 2.81 -19.15 -16.48
C LYS D 44 3.92 -18.24 -15.94
N ALA D 45 5.10 -18.83 -15.83
CA ALA D 45 6.27 -18.07 -15.39
C ALA D 45 6.86 -17.28 -16.56
N PRO D 46 7.46 -16.13 -16.27
CA PRO D 46 8.10 -15.35 -17.34
C PRO D 46 9.10 -16.20 -18.10
N LYS D 47 9.08 -16.07 -19.42
CA LYS D 47 9.96 -16.80 -20.32
C LYS D 47 10.86 -15.78 -21.02
N ARG D 48 12.17 -15.99 -20.97
CA ARG D 48 13.10 -15.06 -21.60
C ARG D 48 13.16 -15.30 -23.10
N LEU D 49 13.00 -14.22 -23.88
CA LEU D 49 13.08 -14.28 -25.33
C LEU D 49 14.40 -13.74 -25.86
N ILE D 50 14.78 -12.53 -25.43
CA ILE D 50 15.96 -11.83 -25.93
C ILE D 50 16.86 -11.50 -24.75
N TYR D 51 18.17 -11.54 -24.98
CA TYR D 51 19.15 -11.14 -23.97
C TYR D 51 20.25 -10.35 -24.64
N ALA D 52 21.05 -9.66 -23.82
CA ALA D 52 22.15 -8.84 -24.32
C ALA D 52 21.69 -7.89 -25.43
N ILE D 53 20.45 -7.39 -25.26
CA ILE D 53 19.83 -6.37 -26.11
C ILE D 53 19.22 -6.97 -27.37
N ALA D 54 19.95 -7.85 -28.05
CA ALA D 54 19.51 -8.31 -29.36
C ALA D 54 19.76 -9.79 -29.62
N SER D 55 20.33 -10.54 -28.68
CA SER D 55 20.59 -11.95 -28.90
C SER D 55 19.31 -12.75 -28.67
N LEU D 56 18.84 -13.43 -29.71
CA LEU D 56 17.68 -14.29 -29.59
C LEU D 56 18.10 -15.61 -28.95
N TYR D 57 17.41 -15.98 -27.88
CA TYR D 57 17.66 -17.28 -27.25
C TYR D 57 17.19 -18.38 -28.19
N SER D 58 18.00 -19.44 -28.29
CA SER D 58 17.67 -20.54 -29.20
C SER D 58 16.29 -21.10 -28.88
N GLY D 59 15.53 -21.42 -29.93
CA GLY D 59 14.19 -21.93 -29.77
C GLY D 59 13.11 -20.87 -29.70
N VAL D 60 13.48 -19.60 -29.78
CA VAL D 60 12.52 -18.50 -29.75
C VAL D 60 12.20 -18.11 -31.18
N PRO D 61 10.92 -17.90 -31.53
CA PRO D 61 10.59 -17.60 -32.93
C PRO D 61 11.37 -16.40 -33.45
N SER D 62 11.80 -16.49 -34.70
CA SER D 62 12.56 -15.42 -35.34
C SER D 62 11.72 -14.17 -35.59
N ARG D 63 10.43 -14.18 -35.25
CA ARG D 63 9.62 -12.98 -35.36
C ARG D 63 10.03 -11.94 -34.32
N PHE D 64 10.62 -12.39 -33.20
CA PHE D 64 11.06 -11.50 -32.14
C PHE D 64 12.49 -11.02 -32.41
N SER D 65 12.72 -9.73 -32.23
CA SER D 65 14.03 -9.14 -32.40
C SER D 65 14.18 -8.01 -31.40
N GLY D 66 15.42 -7.76 -31.00
CA GLY D 66 15.73 -6.70 -30.06
C GLY D 66 16.76 -5.74 -30.64
N SER D 67 16.62 -4.47 -30.33
CA SER D 67 17.53 -3.45 -30.83
C SER D 67 17.67 -2.37 -29.76
N GLY D 68 18.41 -1.32 -30.10
CA GLY D 68 18.69 -0.23 -29.20
C GLY D 68 20.11 -0.29 -28.65
N SER D 69 20.47 0.79 -27.96
CA SER D 69 21.72 0.88 -27.22
C SER D 69 21.69 2.18 -26.43
N GLY D 70 22.40 2.20 -25.31
CA GLY D 70 22.43 3.36 -24.46
C GLY D 70 21.32 3.36 -23.43
N THR D 71 20.26 4.16 -23.66
CA THR D 71 19.15 4.25 -22.72
C THR D 71 17.80 3.98 -23.36
N ASP D 72 17.76 3.52 -24.61
CA ASP D 72 16.49 3.24 -25.28
C ASP D 72 16.60 1.91 -26.02
N PHE D 73 15.65 1.02 -25.74
CA PHE D 73 15.67 -0.34 -26.23
C PHE D 73 14.30 -0.72 -26.77
N THR D 74 14.29 -1.52 -27.82
CA THR D 74 13.08 -1.82 -28.55
C THR D 74 12.95 -3.32 -28.80
N LEU D 75 11.73 -3.83 -28.59
CA LEU D 75 11.35 -5.18 -28.96
C LEU D 75 10.43 -5.10 -30.17
N THR D 76 10.71 -5.90 -31.19
CA THR D 76 9.90 -5.90 -32.40
C THR D 76 9.32 -7.29 -32.61
N ILE D 77 8.01 -7.34 -32.81
CA ILE D 77 7.32 -8.53 -33.29
C ILE D 77 6.90 -8.22 -34.72
N SER D 78 7.53 -8.90 -35.69
CA SER D 78 7.40 -8.50 -37.09
C SER D 78 6.11 -9.01 -37.73
N SER D 79 5.57 -10.13 -37.26
CA SER D 79 4.35 -10.72 -37.82
C SER D 79 3.61 -11.37 -36.64
N LEU D 80 2.85 -10.53 -35.93
CA LEU D 80 2.18 -10.98 -34.72
C LEU D 80 1.33 -12.21 -35.01
N GLN D 81 1.37 -13.18 -34.09
CA GLN D 81 0.61 -14.41 -34.23
C GLN D 81 -0.39 -14.51 -33.08
N PRO D 82 -1.31 -15.48 -33.11
CA PRO D 82 -2.35 -15.51 -32.07
C PRO D 82 -1.80 -15.85 -30.69
N GLU D 83 -0.71 -16.61 -30.61
CA GLU D 83 -0.19 -17.06 -29.33
C GLU D 83 0.56 -15.97 -28.56
N ASP D 84 0.67 -14.75 -29.10
CA ASP D 84 1.43 -13.70 -28.46
C ASP D 84 0.58 -12.83 -27.54
N PHE D 85 -0.70 -13.13 -27.40
CA PHE D 85 -1.47 -12.54 -26.31
C PHE D 85 -0.69 -12.75 -25.01
N ALA D 86 -0.09 -11.70 -24.48
CA ALA D 86 0.76 -11.84 -23.31
C ALA D 86 1.18 -10.47 -22.82
N THR D 87 1.83 -10.45 -21.67
CA THR D 87 2.49 -9.26 -21.16
C THR D 87 4.00 -9.41 -21.39
N TYR D 88 4.62 -8.36 -21.91
CA TYR D 88 6.05 -8.34 -22.19
C TYR D 88 6.73 -7.36 -21.23
N TYR D 89 7.91 -7.75 -20.74
CA TYR D 89 8.66 -6.97 -19.77
C TYR D 89 10.09 -6.80 -20.26
N CYS D 90 10.60 -5.57 -20.24
CA CYS D 90 12.03 -5.35 -20.34
C CYS D 90 12.64 -5.48 -18.95
N VAL D 91 13.91 -5.87 -18.91
CA VAL D 91 14.65 -5.92 -17.65
C VAL D 91 16.09 -5.49 -17.92
N GLY D 92 16.58 -4.55 -17.13
CA GLY D 92 17.93 -4.03 -17.27
C GLY D 92 18.74 -4.28 -16.01
N HIS D 93 20.04 -4.48 -16.20
CA HIS D 93 20.99 -4.71 -15.12
C HIS D 93 21.96 -3.54 -15.07
N TYR D 94 22.20 -3.02 -13.85
CA TYR D 94 23.05 -1.87 -13.62
C TYR D 94 24.09 -2.25 -12.57
N GLY D 95 25.34 -1.87 -12.82
CA GLY D 95 26.43 -2.25 -11.95
C GLY D 95 27.29 -1.06 -11.56
N SER D 96 27.95 -1.19 -10.41
CA SER D 96 28.84 -0.17 -9.88
C SER D 96 29.92 -0.85 -9.06
N GLU D 97 30.50 -0.14 -8.09
CA GLU D 97 31.47 -0.72 -7.17
C GLU D 97 30.79 -1.79 -6.31
N ASN D 98 30.02 -1.34 -5.32
CA ASN D 98 29.18 -2.22 -4.52
C ASN D 98 27.72 -1.82 -4.72
N ASP D 99 27.26 -1.81 -5.97
CA ASP D 99 25.89 -1.41 -6.29
C ASP D 99 25.51 -2.11 -7.59
N ALA D 100 24.82 -3.25 -7.48
CA ALA D 100 24.37 -4.03 -8.63
C ALA D 100 22.88 -4.29 -8.48
N TYR D 101 22.08 -3.75 -9.39
CA TYR D 101 20.63 -3.78 -9.29
C TYR D 101 20.01 -4.19 -10.62
N TYR D 102 18.74 -4.59 -10.55
CA TYR D 102 17.91 -4.86 -11.72
C TYR D 102 16.72 -3.91 -11.71
N ALA D 103 16.07 -3.79 -12.85
CA ALA D 103 14.84 -3.01 -12.94
C ALA D 103 13.98 -3.54 -14.07
N PHE D 104 12.74 -3.93 -13.76
CA PHE D 104 11.78 -4.38 -14.76
C PHE D 104 10.98 -3.20 -15.28
N GLY D 105 10.65 -3.23 -16.56
CA GLY D 105 9.66 -2.33 -17.08
C GLY D 105 8.28 -2.64 -16.53
N GLN D 106 7.36 -1.67 -16.67
CA GLN D 106 6.03 -1.82 -16.10
C GLN D 106 5.23 -2.93 -16.78
N GLY D 107 5.57 -3.30 -18.00
CA GLY D 107 4.86 -4.35 -18.72
C GLY D 107 3.97 -3.78 -19.82
N THR D 108 3.89 -4.52 -20.93
CA THR D 108 3.04 -4.16 -22.06
C THR D 108 2.11 -5.35 -22.36
N LYS D 109 0.82 -5.15 -22.17
CA LYS D 109 -0.17 -6.19 -22.45
C LYS D 109 -0.61 -6.11 -23.90
N VAL D 110 -0.44 -7.20 -24.63
CA VAL D 110 -0.76 -7.28 -26.05
C VAL D 110 -2.00 -8.16 -26.22
N GLU D 111 -3.04 -7.60 -26.85
CA GLU D 111 -4.27 -8.33 -27.12
C GLU D 111 -4.49 -8.40 -28.63
N ILE D 112 -5.30 -9.36 -29.04
CA ILE D 112 -5.60 -9.59 -30.45
C ILE D 112 -6.90 -8.90 -30.82
N LYS D 113 -6.87 -8.13 -31.91
CA LYS D 113 -8.07 -7.46 -32.40
C LYS D 113 -8.94 -8.47 -33.13
N ARG D 114 -10.25 -8.29 -33.02
CA ARG D 114 -11.20 -9.08 -33.79
C ARG D 114 -12.43 -8.23 -34.07
N THR D 115 -13.40 -8.83 -34.74
CA THR D 115 -14.65 -8.16 -35.03
C THR D 115 -15.50 -8.07 -33.76
N VAL D 116 -16.48 -7.16 -33.79
CA VAL D 116 -17.34 -7.00 -32.63
C VAL D 116 -18.20 -8.23 -32.45
N ALA D 117 -18.44 -8.61 -31.19
CA ALA D 117 -19.29 -9.72 -30.83
C ALA D 117 -20.09 -9.32 -29.61
N ALA D 118 -21.40 -9.35 -29.71
CA ALA D 118 -22.27 -8.99 -28.60
C ALA D 118 -22.37 -10.12 -27.59
N PRO D 119 -22.42 -9.81 -26.30
CA PRO D 119 -22.47 -10.90 -25.30
C PRO D 119 -23.81 -11.60 -25.32
N SER D 120 -23.78 -12.91 -25.05
CA SER D 120 -24.96 -13.62 -24.59
C SER D 120 -25.03 -13.40 -23.08
N VAL D 121 -26.18 -12.95 -22.59
CA VAL D 121 -26.31 -12.48 -21.21
C VAL D 121 -27.25 -13.41 -20.46
N PHE D 122 -26.84 -13.81 -19.25
CA PHE D 122 -27.61 -14.68 -18.38
C PHE D 122 -27.59 -14.11 -16.98
N ILE D 123 -28.70 -14.22 -16.27
CA ILE D 123 -28.79 -13.77 -14.89
C ILE D 123 -29.20 -14.94 -14.02
N PHE D 124 -28.56 -15.07 -12.86
CA PHE D 124 -28.76 -16.19 -11.97
C PHE D 124 -29.25 -15.70 -10.61
N PRO D 125 -30.41 -16.14 -10.13
CA PRO D 125 -30.83 -15.79 -8.77
C PRO D 125 -29.91 -16.45 -7.77
N PRO D 126 -29.87 -15.98 -6.53
CA PRO D 126 -29.17 -16.73 -5.49
C PRO D 126 -29.86 -18.06 -5.23
N SER D 127 -29.05 -19.08 -4.93
CA SER D 127 -29.60 -20.38 -4.58
C SER D 127 -30.30 -20.30 -3.22
N ASP D 128 -31.37 -21.09 -3.07
CA ASP D 128 -32.00 -21.17 -1.75
C ASP D 128 -31.00 -21.65 -0.71
N GLU D 129 -30.11 -22.55 -1.10
CA GLU D 129 -29.08 -23.05 -0.20
C GLU D 129 -28.25 -21.91 0.39
N GLN D 130 -27.80 -20.98 -0.46
CA GLN D 130 -27.01 -19.86 0.01
C GLN D 130 -27.83 -18.93 0.90
N LEU D 131 -29.09 -18.72 0.53
CA LEU D 131 -29.91 -17.76 1.29
C LEU D 131 -30.05 -18.18 2.75
N LYS D 132 -29.96 -19.48 3.04
CA LYS D 132 -30.01 -19.93 4.43
C LYS D 132 -28.89 -19.35 5.27
N SER D 133 -27.80 -18.88 4.65
CA SER D 133 -26.64 -18.37 5.36
C SER D 133 -26.69 -16.86 5.59
N GLY D 134 -27.75 -16.19 5.13
CA GLY D 134 -27.89 -14.77 5.36
C GLY D 134 -27.26 -13.88 4.31
N THR D 135 -26.82 -14.44 3.19
CA THR D 135 -26.25 -13.67 2.10
C THR D 135 -26.85 -14.15 0.80
N ALA D 136 -27.07 -13.21 -0.10
CA ALA D 136 -27.57 -13.50 -1.44
C ALA D 136 -26.56 -12.98 -2.45
N SER D 137 -26.08 -13.87 -3.32
CA SER D 137 -25.21 -13.51 -4.42
C SER D 137 -26.02 -13.65 -5.71
N VAL D 138 -26.14 -12.56 -6.47
CA VAL D 138 -26.82 -12.56 -7.76
C VAL D 138 -25.76 -12.37 -8.82
N VAL D 139 -25.77 -13.21 -9.85
CA VAL D 139 -24.68 -13.28 -10.81
C VAL D 139 -25.22 -12.99 -12.19
N CYS D 140 -24.51 -12.14 -12.93
CA CYS D 140 -24.78 -11.83 -14.32
C CYS D 140 -23.58 -12.25 -15.14
N LEU D 141 -23.83 -13.06 -16.16
CA LEU D 141 -22.80 -13.57 -17.05
C LEU D 141 -22.93 -12.89 -18.41
N LEU D 142 -21.82 -12.39 -18.92
CA LEU D 142 -21.69 -11.89 -20.27
C LEU D 142 -20.76 -12.87 -20.99
N ASN D 143 -21.29 -13.64 -21.92
CA ASN D 143 -20.53 -14.73 -22.52
C ASN D 143 -20.05 -14.37 -23.92
N ASN D 144 -18.74 -14.53 -24.13
CA ASN D 144 -18.09 -14.53 -25.44
C ASN D 144 -18.40 -13.25 -26.22
N PHE D 145 -17.84 -12.13 -25.75
CA PHE D 145 -18.06 -10.85 -26.40
C PHE D 145 -16.73 -10.16 -26.70
N TYR D 146 -16.81 -9.16 -27.57
CA TYR D 146 -15.66 -8.33 -27.91
C TYR D 146 -16.23 -7.01 -28.40
N PRO D 147 -15.65 -5.86 -28.02
CA PRO D 147 -14.44 -5.69 -27.22
C PRO D 147 -14.70 -5.86 -25.71
N ARG D 148 -13.62 -5.79 -24.94
CA ARG D 148 -13.70 -6.04 -23.50
C ARG D 148 -14.56 -4.99 -22.80
N GLU D 149 -14.61 -3.77 -23.32
CA GLU D 149 -15.31 -2.69 -22.63
C GLU D 149 -16.81 -2.86 -22.72
N ALA D 150 -17.46 -2.92 -21.57
CA ALA D 150 -18.90 -3.11 -21.47
C ALA D 150 -19.34 -2.52 -20.14
N LYS D 151 -20.49 -1.88 -20.14
CA LYS D 151 -21.08 -1.33 -18.93
C LYS D 151 -22.15 -2.29 -18.43
N VAL D 152 -21.94 -2.86 -17.25
CA VAL D 152 -22.91 -3.74 -16.61
C VAL D 152 -23.48 -3.00 -15.41
N SER D 153 -24.80 -2.78 -15.42
CA SER D 153 -25.48 -2.08 -14.35
C SER D 153 -26.54 -2.98 -13.73
N TRP D 154 -26.63 -2.95 -12.41
CA TRP D 154 -27.62 -3.71 -11.67
C TRP D 154 -28.79 -2.82 -11.27
N TYR D 155 -30.00 -3.31 -11.49
CA TYR D 155 -31.21 -2.62 -11.06
C TYR D 155 -32.01 -3.55 -10.17
N VAL D 156 -32.49 -3.01 -9.06
CA VAL D 156 -33.31 -3.71 -8.08
C VAL D 156 -34.59 -2.90 -7.90
N ASP D 157 -35.73 -3.51 -8.21
CA ASP D 157 -37.00 -2.79 -8.35
C ASP D 157 -36.77 -1.42 -9.00
N ASN D 158 -35.98 -1.44 -10.08
CA ASN D 158 -35.69 -0.29 -10.93
C ASN D 158 -34.77 0.73 -10.29
N ALA D 159 -34.18 0.43 -9.14
CA ALA D 159 -33.21 1.30 -8.51
C ALA D 159 -31.81 0.86 -8.92
N LEU D 160 -31.07 1.77 -9.56
CA LEU D 160 -29.69 1.47 -9.92
C LEU D 160 -28.89 1.21 -8.67
N GLN D 161 -28.06 0.16 -8.72
CA GLN D 161 -27.21 -0.19 -7.60
C GLN D 161 -25.81 0.37 -7.81
N SER D 162 -25.14 0.68 -6.70
CA SER D 162 -23.78 1.17 -6.72
C SER D 162 -23.07 0.66 -5.48
N GLY D 163 -21.86 0.14 -5.65
CA GLY D 163 -20.99 -0.22 -4.55
C GLY D 163 -21.16 -1.60 -3.98
N ASN D 164 -22.06 -2.42 -4.53
CA ASN D 164 -22.28 -3.76 -4.01
C ASN D 164 -22.06 -4.84 -5.07
N SER D 165 -21.32 -4.54 -6.13
CA SER D 165 -21.02 -5.53 -7.16
C SER D 165 -19.53 -5.53 -7.48
N GLN D 166 -19.06 -6.66 -7.98
CA GLN D 166 -17.67 -6.83 -8.39
C GLN D 166 -17.65 -7.61 -9.69
N GLU D 167 -16.77 -7.21 -10.61
CA GLU D 167 -16.63 -7.85 -11.91
C GLU D 167 -15.35 -8.66 -11.99
N SER D 168 -15.40 -9.75 -12.76
CA SER D 168 -14.25 -10.57 -13.07
CA SER D 168 -14.23 -10.54 -13.09
C SER D 168 -14.29 -10.90 -14.56
N VAL D 169 -13.13 -10.95 -15.19
CA VAL D 169 -13.05 -11.15 -16.63
C VAL D 169 -12.02 -12.21 -16.94
N THR D 170 -12.32 -13.05 -17.92
CA THR D 170 -11.40 -14.05 -18.42
C THR D 170 -10.37 -13.40 -19.32
N GLU D 171 -9.28 -14.13 -19.53
CA GLU D 171 -8.35 -13.72 -20.57
C GLU D 171 -8.97 -14.01 -21.93
N GLN D 172 -8.43 -13.37 -22.95
CA GLN D 172 -8.92 -13.59 -24.30
C GLN D 172 -8.92 -15.07 -24.63
N ASP D 173 -10.05 -15.54 -25.18
CA ASP D 173 -10.15 -16.94 -25.59
C ASP D 173 -9.16 -17.21 -26.71
N SER D 174 -8.38 -18.29 -26.57
CA SER D 174 -7.41 -18.62 -27.60
C SER D 174 -8.08 -19.03 -28.91
N LYS D 175 -9.36 -19.37 -28.88
CA LYS D 175 -10.06 -19.89 -30.05
C LYS D 175 -10.80 -18.80 -30.83
N ASP D 176 -11.68 -18.05 -30.17
CA ASP D 176 -12.46 -17.02 -30.86
C ASP D 176 -12.09 -15.60 -30.45
N SER D 177 -11.11 -15.42 -29.57
CA SER D 177 -10.55 -14.12 -29.20
C SER D 177 -11.53 -13.27 -28.40
N THR D 178 -12.59 -13.85 -27.86
CA THR D 178 -13.55 -13.07 -27.10
C THR D 178 -13.18 -13.07 -25.61
N TYR D 179 -13.92 -12.29 -24.87
CA TYR D 179 -13.89 -12.23 -23.42
C TYR D 179 -15.20 -12.76 -22.87
N SER D 180 -15.16 -13.19 -21.61
CA SER D 180 -16.36 -13.43 -20.83
C SER D 180 -16.23 -12.71 -19.50
N LEU D 181 -17.34 -12.24 -18.96
CA LEU D 181 -17.33 -11.42 -17.76
C LEU D 181 -18.43 -11.87 -16.82
N SER D 182 -18.12 -11.87 -15.52
CA SER D 182 -19.13 -12.07 -14.49
C SER D 182 -19.25 -10.79 -13.68
N SER D 183 -20.48 -10.41 -13.37
CA SER D 183 -20.72 -9.38 -12.38
C SER D 183 -21.53 -9.99 -11.25
N THR D 184 -21.08 -9.81 -10.02
CA THR D 184 -21.72 -10.43 -8.86
C THR D 184 -22.23 -9.35 -7.91
N LEU D 185 -23.53 -9.35 -7.67
CA LEU D 185 -24.20 -8.44 -6.75
C LEU D 185 -24.38 -9.16 -5.42
N THR D 186 -23.89 -8.55 -4.35
CA THR D 186 -23.96 -9.18 -3.03
C THR D 186 -24.87 -8.36 -2.13
N LEU D 187 -25.90 -9.02 -1.60
CA LEU D 187 -26.90 -8.38 -0.75
C LEU D 187 -27.12 -9.23 0.49
N SER D 188 -27.46 -8.57 1.59
CA SER D 188 -27.96 -9.31 2.74
C SER D 188 -29.25 -10.02 2.36
N LYS D 189 -29.48 -11.18 2.97
CA LYS D 189 -30.74 -11.88 2.75
C LYS D 189 -31.92 -10.96 3.00
N ALA D 190 -31.86 -10.19 4.09
CA ALA D 190 -32.95 -9.27 4.40
C ALA D 190 -33.19 -8.31 3.25
N ASP D 191 -32.12 -7.67 2.76
CA ASP D 191 -32.27 -6.76 1.64
C ASP D 191 -32.80 -7.48 0.41
N TYR D 192 -32.22 -8.64 0.08
CA TYR D 192 -32.68 -9.37 -1.10
C TYR D 192 -34.16 -9.68 -1.02
N GLU D 193 -34.67 -9.98 0.18
CA GLU D 193 -36.08 -10.33 0.32
C GLU D 193 -36.99 -9.12 0.41
N LYS D 194 -36.44 -7.90 0.42
CA LYS D 194 -37.26 -6.70 0.42
C LYS D 194 -37.71 -6.28 -0.98
N HIS D 195 -37.17 -6.90 -2.03
CA HIS D 195 -37.40 -6.45 -3.39
C HIS D 195 -37.77 -7.63 -4.28
N LYS D 196 -38.37 -7.31 -5.42
CA LYS D 196 -38.90 -8.33 -6.31
C LYS D 196 -38.11 -8.45 -7.60
N VAL D 197 -37.86 -7.35 -8.30
CA VAL D 197 -37.32 -7.38 -9.66
C VAL D 197 -35.81 -7.17 -9.63
N TYR D 198 -35.08 -8.11 -10.21
CA TYR D 198 -33.62 -8.07 -10.28
C TYR D 198 -33.20 -8.10 -11.73
N ALA D 199 -32.41 -7.11 -12.15
CA ALA D 199 -32.07 -6.97 -13.56
C ALA D 199 -30.62 -6.54 -13.73
N CYS D 200 -29.98 -7.12 -14.74
CA CYS D 200 -28.63 -6.78 -15.17
CA CYS D 200 -28.64 -6.71 -15.15
C CYS D 200 -28.71 -6.21 -16.58
N GLU D 201 -28.29 -4.97 -16.76
CA GLU D 201 -28.34 -4.24 -18.02
C GLU D 201 -26.92 -4.12 -18.55
N VAL D 202 -26.70 -4.63 -19.76
CA VAL D 202 -25.37 -4.69 -20.37
C VAL D 202 -25.40 -3.80 -21.60
N THR D 203 -24.55 -2.78 -21.62
CA THR D 203 -24.52 -1.83 -22.71
C THR D 203 -23.18 -1.88 -23.43
N GLN D 204 -23.25 -1.94 -24.76
CA GLN D 204 -22.08 -1.74 -25.62
C GLN D 204 -22.54 -0.92 -26.82
N GLY D 205 -21.90 0.22 -27.04
CA GLY D 205 -22.26 1.03 -28.20
C GLY D 205 -23.74 1.39 -28.18
N THR D 206 -24.45 1.06 -29.26
CA THR D 206 -25.84 1.47 -29.43
C THR D 206 -26.84 0.49 -28.86
N THR D 207 -26.40 -0.50 -28.09
CA THR D 207 -27.28 -1.58 -27.67
C THR D 207 -27.15 -1.82 -26.18
N SER D 208 -28.29 -1.84 -25.48
CA SER D 208 -28.38 -2.30 -24.11
C SER D 208 -29.33 -3.49 -24.06
N VAL D 209 -28.88 -4.59 -23.47
CA VAL D 209 -29.72 -5.76 -23.24
C VAL D 209 -29.88 -5.93 -21.73
N THR D 210 -31.12 -6.10 -21.28
CA THR D 210 -31.41 -6.26 -19.86
C THR D 210 -32.07 -7.60 -19.63
N LYS D 211 -31.45 -8.42 -18.78
CA LYS D 211 -31.97 -9.72 -18.38
C LYS D 211 -32.41 -9.62 -16.93
N SER D 212 -33.62 -10.11 -16.64
CA SER D 212 -34.18 -9.96 -15.31
CA SER D 212 -34.21 -9.95 -15.32
C SER D 212 -34.80 -11.27 -14.82
N PHE D 213 -35.08 -11.30 -13.53
CA PHE D 213 -35.90 -12.33 -12.92
C PHE D 213 -36.71 -11.67 -11.81
N ASN D 214 -37.78 -12.34 -11.41
CA ASN D 214 -38.58 -11.91 -10.27
C ASN D 214 -38.31 -12.87 -9.11
N ARG D 215 -37.93 -12.31 -7.98
CA ARG D 215 -37.64 -13.12 -6.80
C ARG D 215 -38.84 -13.97 -6.46
N GLY D 216 -38.63 -15.29 -6.35
CA GLY D 216 -39.67 -16.20 -5.93
C GLY D 216 -40.36 -16.97 -7.05
N GLU D 217 -39.89 -16.87 -8.28
CA GLU D 217 -40.47 -17.62 -9.40
C GLU D 217 -39.55 -18.76 -9.80
N CYS D 218 -40.13 -19.92 -10.03
CA CYS D 218 -39.37 -21.11 -10.40
C CYS D 218 -39.08 -21.11 -11.90
C1 CIT E . -24.29 3.11 8.63
O1 CIT E . -25.00 3.93 8.02
O2 CIT E . -24.80 2.05 9.04
C2 CIT E . -22.83 3.40 8.92
C3 CIT E . -21.85 2.80 7.91
O7 CIT E . -22.50 1.74 7.13
C4 CIT E . -21.36 3.90 6.96
C5 CIT E . -20.27 3.43 6.02
O3 CIT E . -20.41 3.59 4.78
O4 CIT E . -19.23 2.89 6.46
C6 CIT E . -20.70 2.23 8.73
O5 CIT E . -19.79 2.97 9.16
O6 CIT E . -20.65 1.02 9.05
H21 CIT E . -22.59 3.00 9.91
H22 CIT E . -22.69 4.47 8.94
HO7 CIT E . -21.85 1.02 6.95
H41 CIT E . -20.98 4.73 7.55
H42 CIT E . -22.20 4.26 6.37
C1 CIT F . 26.27 -10.01 -15.51
O1 CIT F . 26.32 -10.44 -16.68
O2 CIT F . 27.29 -9.43 -15.05
C2 CIT F . 25.05 -10.19 -14.64
C3 CIT F . 24.25 -11.43 -15.05
O7 CIT F . 25.13 -12.34 -15.74
C4 CIT F . 23.69 -12.11 -13.81
C5 CIT F . 23.67 -13.60 -14.02
O3 CIT F . 23.10 -14.07 -15.04
O4 CIT F . 24.19 -14.38 -13.20
C6 CIT F . 23.09 -11.01 -15.97
O5 CIT F . 23.29 -10.79 -17.18
O6 CIT F . 21.93 -10.86 -15.53
H21 CIT F . 24.42 -9.30 -14.73
H22 CIT F . 25.36 -10.29 -13.60
HO7 CIT F . 24.79 -12.50 -16.65
H41 CIT F . 24.31 -11.87 -12.94
H42 CIT F . 22.68 -11.75 -13.60
#